data_8IRZ
#
_entry.id   8IRZ
#
_cell.length_a   108.966
_cell.length_b   174.395
_cell.length_c   84.089
_cell.angle_alpha   90.00
_cell.angle_beta   125.82
_cell.angle_gamma   90.00
#
_symmetry.space_group_name_H-M   'C 1 2 1'
#
loop_
_entity.id
_entity.type
_entity.pdbx_description
1 polymer 'Probable hercynylcysteine sulfoxide lyase'
2 non-polymer "PYRIDOXAL-5'-PHOSPHATE"
3 water water
#
_entity_poly.entity_id   1
_entity_poly.type   'polypeptide(L)'
_entity_poly.pdbx_seq_one_letter_code
;MGSSHHHHHHSSGLVPRGSHMVMLAQQWRDARPKVAGLHLDSGACSRQSFAVIDATTAHARHEAEVGGYVAAEAATPALD
AGRAAVASLIGFAASDVVYTSGSNHAIDLLLSSWPGKRTLACLPGEYGPNLSAMAANGFQVRALPVDDDGRVLVDEASHE
LSAHPVALVHLTALASHRGIAQPAAELVEACHNAGIPVVIDAAQALGHLDCNVGADAVYSSSRKWLAGPRGVGVLAVRPE
LAERLQPRIPPSDWPIPMSVLEKLELGEHNAAARVGFSVAVGEHLAAGPTAVRERLAEVGRLSRQVLAEVDGWRVVEPVD
QPTAITTLESTDGADPASVRSWLIAERGIVTTACELARAPFEMRTPVLRISPHVDVTVDELEQFAAALREAP
;
_entity_poly.pdbx_strand_id   A,B
#
# COMPACT_ATOMS: atom_id res chain seq x y z
N VAL A 15 -23.29 -4.65 1.62
CA VAL A 15 -22.33 -5.09 0.56
C VAL A 15 -20.93 -4.60 0.94
N PRO A 16 -19.97 -5.49 1.27
CA PRO A 16 -18.61 -5.07 1.63
C PRO A 16 -17.79 -4.52 0.46
N ARG A 17 -16.65 -3.89 0.81
CA ARG A 17 -15.78 -3.22 -0.13
C ARG A 17 -14.36 -3.74 0.05
N GLY A 18 -13.60 -3.79 -1.05
CA GLY A 18 -12.20 -4.18 -1.00
C GLY A 18 -11.33 -3.13 -0.31
N SER A 19 -10.13 -3.57 0.09
CA SER A 19 -9.13 -2.70 0.68
C SER A 19 -8.47 -1.87 -0.43
N HIS A 20 -8.32 -0.56 -0.18
CA HIS A 20 -7.51 0.29 -1.04
C HIS A 20 -6.05 -0.10 -0.87
N MET A 21 -5.49 -0.73 -1.91
CA MET A 21 -4.11 -1.20 -1.86
C MET A 21 -3.17 0.01 -1.94
N VAL A 22 -2.22 0.07 -0.98
CA VAL A 22 -1.24 1.13 -0.90
C VAL A 22 0.10 0.54 -0.47
N MET A 23 1.17 0.98 -1.16
CA MET A 23 2.52 0.51 -0.92
C MET A 23 2.95 0.77 0.52
N LEU A 24 2.41 1.85 1.12
CA LEU A 24 2.65 2.24 2.50
C LEU A 24 2.58 1.07 3.47
N ALA A 25 1.52 0.26 3.40
CA ALA A 25 1.33 -0.89 4.28
C ALA A 25 2.57 -1.79 4.31
N GLN A 26 3.09 -2.10 3.12
CA GLN A 26 4.18 -3.05 2.97
C GLN A 26 5.52 -2.42 3.38
N GLN A 27 5.77 -1.18 2.96
CA GLN A 27 7.00 -0.48 3.32
C GLN A 27 7.14 -0.48 4.84
N TRP A 28 6.02 -0.21 5.51
CA TRP A 28 5.97 -0.16 6.96
C TRP A 28 6.34 -1.53 7.54
N ARG A 29 5.64 -2.58 7.08
CA ARG A 29 5.85 -3.93 7.57
C ARG A 29 7.32 -4.34 7.43
N ASP A 30 7.96 -3.94 6.32
CA ASP A 30 9.27 -4.44 5.95
C ASP A 30 10.39 -3.60 6.55
N ALA A 31 10.05 -2.44 7.14
CA ALA A 31 11.02 -1.63 7.88
C ALA A 31 11.17 -2.14 9.32
N ARG A 32 10.31 -3.11 9.68
CA ARG A 32 10.22 -3.67 11.02
C ARG A 32 10.63 -5.14 10.98
N PRO A 33 11.16 -5.69 12.10
CA PRO A 33 11.32 -7.15 12.26
C PRO A 33 10.09 -7.97 11.90
N LYS A 34 10.32 -9.22 11.48
CA LYS A 34 9.23 -10.14 11.22
C LYS A 34 8.50 -10.41 12.54
N VAL A 35 7.18 -10.23 12.53
CA VAL A 35 6.34 -10.63 13.66
C VAL A 35 6.40 -12.15 13.79
N ALA A 36 6.42 -12.64 15.03
CA ALA A 36 6.45 -14.08 15.30
C ALA A 36 5.09 -14.69 14.95
N GLY A 37 4.02 -14.20 15.59
CA GLY A 37 2.68 -14.68 15.34
C GLY A 37 1.85 -13.66 14.55
N LEU A 38 1.03 -12.89 15.28
CA LEU A 38 0.23 -11.83 14.68
C LEU A 38 -0.03 -10.74 15.71
N HIS A 39 0.35 -9.50 15.38
CA HIS A 39 0.39 -8.38 16.31
C HIS A 39 -0.75 -7.41 16.03
N LEU A 40 -1.75 -7.37 16.93
CA LEU A 40 -2.90 -6.50 16.75
C LEU A 40 -3.05 -5.60 17.99
N ASP A 41 -1.94 -4.97 18.39
CA ASP A 41 -1.84 -4.33 19.70
C ASP A 41 -0.89 -3.13 19.66
N SER A 42 -1.00 -2.32 18.61
CA SER A 42 -0.15 -1.14 18.46
C SER A 42 -0.65 0.00 19.35
N GLY A 43 -1.90 -0.11 19.83
CA GLY A 43 -2.46 0.84 20.79
C GLY A 43 -1.88 0.65 22.19
N ALA A 44 -1.33 -0.54 22.46
CA ALA A 44 -0.63 -0.80 23.72
C ALA A 44 0.86 -0.51 23.53
N CYS A 45 1.46 -1.23 22.59
CA CYS A 45 2.89 -1.06 22.28
C CYS A 45 3.14 -1.59 20.88
N SER A 46 3.51 -0.67 19.96
CA SER A 46 3.74 -1.01 18.56
C SER A 46 5.14 -1.59 18.41
N ARG A 47 5.69 -1.53 17.18
CA ARG A 47 6.91 -2.25 16.85
C ARG A 47 7.93 -1.29 16.24
N GLN A 48 9.08 -1.17 16.90
CA GLN A 48 10.14 -0.28 16.44
C GLN A 48 10.74 -0.79 15.12
N SER A 49 10.98 0.15 14.20
CA SER A 49 11.72 -0.11 12.99
C SER A 49 13.17 -0.47 13.30
N PHE A 50 13.85 -1.10 12.32
CA PHE A 50 15.27 -1.40 12.42
C PHE A 50 16.04 -0.10 12.66
N ALA A 51 15.63 0.97 11.96
CA ALA A 51 16.30 2.25 12.04
C ALA A 51 16.22 2.83 13.46
N VAL A 52 15.02 2.74 14.06
CA VAL A 52 14.79 3.21 15.41
C VAL A 52 15.69 2.42 16.37
N ILE A 53 15.66 1.10 16.25
CA ILE A 53 16.42 0.24 17.14
C ILE A 53 17.91 0.54 16.99
N ASP A 54 18.38 0.74 15.75
CA ASP A 54 19.79 0.98 15.48
C ASP A 54 20.21 2.35 16.02
N ALA A 55 19.35 3.35 15.83
CA ALA A 55 19.62 4.70 16.30
C ALA A 55 19.79 4.74 17.82
N THR A 56 18.99 3.93 18.53
CA THR A 56 19.05 3.83 19.98
C THR A 56 20.35 3.17 20.40
N THR A 57 20.64 2.00 19.80
CA THR A 57 21.86 1.27 20.08
C THR A 57 23.07 2.15 19.82
N ALA A 58 23.03 2.90 18.71
CA ALA A 58 24.14 3.73 18.27
C ALA A 58 24.50 4.76 19.33
N HIS A 59 23.47 5.40 19.91
CA HIS A 59 23.70 6.44 20.90
C HIS A 59 24.35 5.86 22.15
N ALA A 60 23.89 4.68 22.57
CA ALA A 60 24.45 3.99 23.74
C ALA A 60 25.93 3.68 23.52
N ARG A 61 26.26 3.22 22.30
CA ARG A 61 27.64 2.95 21.94
C ARG A 61 28.44 4.25 22.00
N HIS A 62 27.85 5.34 21.49
CA HIS A 62 28.53 6.63 21.46
C HIS A 62 28.76 7.16 22.87
N GLU A 63 27.79 6.95 23.77
CA GLU A 63 27.94 7.27 25.18
C GLU A 63 29.23 6.66 25.73
N ALA A 64 29.54 5.42 25.29
CA ALA A 64 30.65 4.66 25.84
C ALA A 64 32.00 5.13 25.29
N GLU A 65 31.99 5.77 24.11
CA GLU A 65 33.23 6.19 23.45
C GLU A 65 33.63 7.58 23.93
N VAL A 66 32.73 8.56 23.78
CA VAL A 66 33.07 9.97 23.93
C VAL A 66 32.66 10.51 25.30
N GLY A 67 31.89 9.73 26.06
CA GLY A 67 31.30 10.19 27.32
C GLY A 67 29.80 10.42 27.17
N GLY A 68 29.06 10.12 28.24
CA GLY A 68 27.60 10.05 28.17
C GLY A 68 26.95 11.41 27.94
N TYR A 69 27.49 12.44 28.61
CA TYR A 69 26.92 13.77 28.54
C TYR A 69 27.38 14.48 27.26
N VAL A 70 28.62 14.20 26.81
CA VAL A 70 29.09 14.80 25.57
C VAL A 70 28.33 14.19 24.40
N ALA A 71 27.99 12.89 24.51
CA ALA A 71 27.19 12.21 23.49
C ALA A 71 25.80 12.82 23.41
N ALA A 72 25.22 13.15 24.58
CA ALA A 72 23.90 13.74 24.68
C ALA A 72 23.87 15.13 24.03
N GLU A 73 24.92 15.92 24.33
CA GLU A 73 25.08 17.24 23.75
C GLU A 73 25.14 17.13 22.23
N ALA A 74 25.95 16.17 21.74
CA ALA A 74 26.15 15.96 20.32
C ALA A 74 24.86 15.50 19.63
N ALA A 75 23.85 15.11 20.41
CA ALA A 75 22.60 14.58 19.86
C ALA A 75 21.51 15.66 19.81
N THR A 76 21.85 16.90 20.24
CA THR A 76 20.88 17.98 20.30
C THR A 76 20.19 18.19 18.94
N PRO A 77 20.92 18.13 17.80
CA PRO A 77 20.28 18.14 16.48
C PRO A 77 19.09 17.18 16.35
N ALA A 78 19.32 15.90 16.65
CA ALA A 78 18.29 14.87 16.50
C ALA A 78 17.14 15.07 17.49
N LEU A 79 17.49 15.42 18.74
CA LEU A 79 16.51 15.65 19.79
C LEU A 79 15.59 16.82 19.41
N ASP A 80 16.19 17.89 18.87
CA ASP A 80 15.46 19.09 18.49
C ASP A 80 14.57 18.80 17.28
N ALA A 81 15.08 17.98 16.35
CA ALA A 81 14.30 17.52 15.21
C ALA A 81 13.00 16.88 15.67
N GLY A 82 13.10 16.03 16.71
CA GLY A 82 11.95 15.30 17.23
C GLY A 82 10.90 16.21 17.87
N ARG A 83 11.36 17.22 18.62
CA ARG A 83 10.48 18.24 19.16
C ARG A 83 9.71 18.91 18.03
N ALA A 84 10.43 19.26 16.96
CA ALA A 84 9.89 20.02 15.83
C ALA A 84 8.86 19.20 15.06
N ALA A 85 9.16 17.91 14.83
CA ALA A 85 8.26 17.02 14.13
C ALA A 85 6.96 16.86 14.91
N VAL A 86 7.09 16.76 16.24
CA VAL A 86 5.93 16.68 17.11
C VAL A 86 5.14 17.98 17.01
N ALA A 87 5.87 19.10 17.07
CA ALA A 87 5.27 20.43 17.03
C ALA A 87 4.44 20.62 15.76
N SER A 88 4.92 20.09 14.63
CA SER A 88 4.25 20.28 13.35
C SER A 88 2.93 19.51 13.30
N LEU A 89 2.87 18.39 14.05
CA LEU A 89 1.69 17.53 14.07
C LEU A 89 0.57 18.10 14.94
N ILE A 90 0.88 19.11 15.78
CA ILE A 90 -0.08 19.63 16.74
C ILE A 90 -0.28 21.15 16.57
N GLY A 91 0.55 21.79 15.73
CA GLY A 91 0.45 23.22 15.49
C GLY A 91 1.03 24.06 16.63
N PHE A 92 2.13 23.57 17.24
CA PHE A 92 2.88 24.32 18.24
C PHE A 92 4.24 24.66 17.65
N ALA A 93 5.06 25.38 18.41
CA ALA A 93 6.46 25.60 18.07
C ALA A 93 7.32 24.53 18.74
N ALA A 94 8.46 24.21 18.11
CA ALA A 94 9.35 23.18 18.62
C ALA A 94 9.80 23.49 20.05
N SER A 95 9.85 24.79 20.40
CA SER A 95 10.35 25.22 21.68
C SER A 95 9.27 25.11 22.75
N ASP A 96 8.04 24.75 22.35
CA ASP A 96 6.95 24.50 23.28
C ASP A 96 6.93 23.04 23.72
N VAL A 97 7.75 22.20 23.06
CA VAL A 97 7.69 20.76 23.22
C VAL A 97 8.81 20.31 24.14
N VAL A 98 8.52 19.28 24.94
CA VAL A 98 9.38 18.78 26.01
C VAL A 98 9.23 17.26 26.10
N TYR A 99 10.30 16.57 26.51
CA TYR A 99 10.31 15.12 26.62
C TYR A 99 9.94 14.69 28.04
N THR A 100 9.20 13.58 28.14
CA THR A 100 8.77 12.98 29.40
C THR A 100 9.04 11.47 29.37
N SER A 101 8.66 10.79 30.45
CA SER A 101 8.70 9.33 30.52
C SER A 101 7.48 8.69 29.84
N GLY A 102 6.44 9.49 29.62
CA GLY A 102 5.21 9.00 29.02
C GLY A 102 4.05 9.96 29.28
N SER A 103 2.83 9.50 28.98
CA SER A 103 1.65 10.35 29.05
C SER A 103 1.19 10.56 30.49
N ASN A 104 1.44 9.59 31.39
CA ASN A 104 1.07 9.76 32.79
C ASN A 104 2.03 10.74 33.45
N HIS A 105 3.33 10.58 33.18
CA HIS A 105 4.31 11.56 33.62
C HIS A 105 3.88 12.95 33.19
N ALA A 106 3.42 13.05 31.92
CA ALA A 106 3.09 14.31 31.28
C ALA A 106 1.94 15.00 32.04
N ILE A 107 0.85 14.28 32.28
CA ILE A 107 -0.31 14.90 32.91
C ILE A 107 0.00 15.23 34.36
N ASP A 108 0.85 14.45 35.02
CA ASP A 108 1.20 14.71 36.40
C ASP A 108 2.04 15.99 36.45
N LEU A 109 3.01 16.13 35.54
CA LEU A 109 3.85 17.33 35.46
C LEU A 109 2.98 18.56 35.28
N LEU A 110 1.94 18.43 34.44
CA LEU A 110 1.09 19.54 34.09
C LEU A 110 0.20 19.92 35.28
N LEU A 111 -0.54 18.93 35.80
CA LEU A 111 -1.54 19.16 36.84
C LEU A 111 -0.88 19.55 38.17
N SER A 112 0.30 18.99 38.45
CA SER A 112 1.02 19.32 39.66
C SER A 112 1.55 20.76 39.60
N SER A 113 1.56 21.35 38.40
CA SER A 113 2.16 22.66 38.16
C SER A 113 1.09 23.75 38.04
N TRP A 114 -0.18 23.34 38.07
CA TRP A 114 -1.27 24.20 37.66
C TRP A 114 -1.54 25.26 38.74
N PRO A 115 -1.71 26.55 38.35
CA PRO A 115 -1.92 27.62 39.33
C PRO A 115 -3.39 27.87 39.68
N GLY A 116 -3.63 28.37 40.89
CA GLY A 116 -4.95 28.86 41.27
C GLY A 116 -5.97 27.73 41.40
N LYS A 117 -7.25 28.05 41.15
CA LYS A 117 -8.36 27.14 41.38
C LYS A 117 -8.17 25.91 40.48
N ARG A 118 -8.15 24.73 41.12
CA ARG A 118 -7.93 23.48 40.43
C ARG A 118 -9.28 22.76 40.26
N THR A 119 -9.96 23.12 39.17
CA THR A 119 -11.22 22.51 38.79
C THR A 119 -11.12 22.20 37.29
N LEU A 120 -11.60 21.03 36.86
CA LEU A 120 -11.57 20.68 35.45
C LEU A 120 -12.81 19.88 35.06
N ALA A 121 -13.09 19.86 33.76
CA ALA A 121 -14.11 19.01 33.17
C ALA A 121 -13.44 18.06 32.19
N CYS A 122 -13.99 16.85 32.06
CA CYS A 122 -13.44 15.84 31.18
C CYS A 122 -14.55 14.89 30.74
N LEU A 123 -14.21 13.94 29.87
CA LEU A 123 -15.13 12.90 29.43
C LEU A 123 -15.43 11.96 30.61
N PRO A 124 -16.64 11.34 30.66
CA PRO A 124 -16.90 10.26 31.61
C PRO A 124 -16.02 9.04 31.34
N GLY A 125 -15.65 8.86 30.06
CA GLY A 125 -14.80 7.76 29.65
C GLY A 125 -13.31 8.04 29.87
N GLU A 126 -12.98 8.95 30.79
CA GLU A 126 -11.60 9.35 31.00
C GLU A 126 -10.79 8.16 31.50
N TYR A 127 -9.55 8.07 31.00
CA TYR A 127 -8.59 7.06 31.38
C TYR A 127 -8.41 7.09 32.90
N GLY A 128 -8.52 5.91 33.53
CA GLY A 128 -8.55 5.78 34.98
C GLY A 128 -7.34 6.43 35.63
N PRO A 129 -6.11 6.05 35.22
CA PRO A 129 -4.89 6.67 35.74
C PRO A 129 -4.79 8.19 35.55
N ASN A 130 -5.51 8.74 34.56
CA ASN A 130 -5.61 10.19 34.44
C ASN A 130 -6.44 10.73 35.60
N LEU A 131 -7.61 10.10 35.84
CA LEU A 131 -8.47 10.46 36.95
C LEU A 131 -7.70 10.39 38.26
N SER A 132 -6.92 9.31 38.40
CA SER A 132 -6.08 9.10 39.56
C SER A 132 -5.14 10.29 39.77
N ALA A 133 -4.49 10.76 38.69
CA ALA A 133 -3.57 11.88 38.78
C ALA A 133 -4.32 13.18 39.09
N MET A 134 -5.50 13.35 38.47
CA MET A 134 -6.33 14.53 38.69
C MET A 134 -6.66 14.66 40.16
N ALA A 135 -7.13 13.54 40.74
CA ALA A 135 -7.44 13.44 42.15
C ALA A 135 -6.22 13.73 43.00
N ALA A 136 -5.08 13.11 42.65
CA ALA A 136 -3.88 13.22 43.47
C ALA A 136 -3.35 14.65 43.51
N ASN A 137 -3.73 15.48 42.52
CA ASN A 137 -3.27 16.86 42.44
C ASN A 137 -4.36 17.82 42.91
N GLY A 138 -5.42 17.27 43.51
CA GLY A 138 -6.44 18.08 44.16
C GLY A 138 -7.33 18.82 43.17
N PHE A 139 -7.69 18.14 42.07
CA PHE A 139 -8.61 18.72 41.11
C PHE A 139 -10.01 18.21 41.39
N GLN A 140 -11.00 19.11 41.31
CA GLN A 140 -12.40 18.72 41.26
C GLN A 140 -12.74 18.41 39.80
N VAL A 141 -13.32 17.23 39.58
CA VAL A 141 -13.48 16.72 38.22
C VAL A 141 -14.97 16.58 37.93
N ARG A 142 -15.40 17.22 36.84
CA ARG A 142 -16.78 17.18 36.39
C ARG A 142 -16.83 16.47 35.04
N ALA A 143 -17.97 15.86 34.72
CA ALA A 143 -18.14 15.14 33.46
C ALA A 143 -18.78 16.05 32.42
N LEU A 144 -18.31 15.93 31.17
CA LEU A 144 -18.89 16.62 30.03
C LEU A 144 -20.02 15.78 29.44
N PRO A 145 -21.07 16.40 28.85
CA PRO A 145 -22.18 15.66 28.25
C PRO A 145 -21.79 14.93 26.96
N VAL A 146 -22.22 13.67 26.85
CA VAL A 146 -21.83 12.82 25.72
C VAL A 146 -23.05 12.06 25.22
N ASP A 147 -22.90 11.42 24.05
CA ASP A 147 -23.94 10.58 23.47
C ASP A 147 -23.82 9.17 24.04
N ASP A 148 -24.48 8.20 23.41
CA ASP A 148 -24.52 6.83 23.89
C ASP A 148 -23.17 6.14 23.69
N ASP A 149 -22.39 6.59 22.70
CA ASP A 149 -21.10 5.99 22.37
C ASP A 149 -19.99 6.55 23.26
N GLY A 150 -20.24 7.69 23.91
CA GLY A 150 -19.22 8.37 24.71
C GLY A 150 -18.60 9.56 23.97
N ARG A 151 -19.14 9.87 22.78
CA ARG A 151 -18.70 11.00 21.98
C ARG A 151 -19.28 12.28 22.57
N VAL A 152 -18.43 13.31 22.74
CA VAL A 152 -18.86 14.55 23.37
C VAL A 152 -19.87 15.24 22.46
N LEU A 153 -20.92 15.80 23.08
CA LEU A 153 -21.90 16.64 22.42
C LEU A 153 -21.43 18.08 22.57
N VAL A 154 -21.06 18.70 21.44
CA VAL A 154 -20.22 19.88 21.47
C VAL A 154 -21.05 21.10 21.89
N ASP A 155 -22.29 21.21 21.36
CA ASP A 155 -23.17 22.33 21.65
C ASP A 155 -23.54 22.35 23.12
N GLU A 156 -23.98 21.20 23.64
CA GLU A 156 -24.40 21.06 25.03
C GLU A 156 -23.22 21.38 25.95
N ALA A 157 -22.02 20.95 25.56
CA ALA A 157 -20.81 21.22 26.31
C ALA A 157 -20.53 22.71 26.35
N SER A 158 -20.82 23.41 25.23
CA SER A 158 -20.63 24.85 25.13
C SER A 158 -21.54 25.58 26.12
N HIS A 159 -22.83 25.23 26.11
CA HIS A 159 -23.80 25.78 27.05
C HIS A 159 -23.32 25.57 28.49
N GLU A 160 -22.96 24.32 28.80
CA GLU A 160 -22.60 23.90 30.15
C GLU A 160 -21.42 24.74 30.66
N LEU A 161 -20.44 24.99 29.80
CA LEU A 161 -19.20 25.64 30.19
C LEU A 161 -19.39 27.15 30.35
N SER A 162 -20.29 27.74 29.55
CA SER A 162 -20.63 29.15 29.67
C SER A 162 -21.37 29.42 30.98
N ALA A 163 -22.40 28.60 31.24
CA ALA A 163 -23.21 28.72 32.43
C ALA A 163 -22.40 28.38 33.67
N HIS A 164 -21.59 27.32 33.56
CA HIS A 164 -20.83 26.80 34.69
C HIS A 164 -19.35 26.66 34.30
N PRO A 165 -18.49 27.64 34.66
CA PRO A 165 -17.10 27.63 34.22
C PRO A 165 -16.20 26.69 35.01
N VAL A 166 -15.04 26.39 34.42
CA VAL A 166 -14.06 25.47 34.98
C VAL A 166 -12.67 25.96 34.56
N ALA A 167 -11.62 25.61 35.32
CA ALA A 167 -10.30 26.19 35.11
C ALA A 167 -9.62 25.63 33.86
N LEU A 168 -9.94 24.37 33.50
CA LEU A 168 -9.47 23.79 32.25
C LEU A 168 -10.34 22.60 31.86
N VAL A 169 -10.22 22.21 30.58
CA VAL A 169 -10.90 21.04 30.05
C VAL A 169 -9.86 20.04 29.59
N HIS A 170 -10.07 18.77 29.96
CA HIS A 170 -9.18 17.69 29.58
C HIS A 170 -9.90 16.74 28.64
N LEU A 171 -9.50 16.78 27.37
CA LEU A 171 -10.10 15.92 26.36
C LEU A 171 -9.11 14.82 25.98
N THR A 172 -9.50 13.56 26.23
CA THR A 172 -8.85 12.43 25.60
C THR A 172 -9.43 12.31 24.20
N ALA A 173 -8.61 12.63 23.19
CA ALA A 173 -9.07 12.72 21.81
C ALA A 173 -9.39 11.35 21.25
N LEU A 174 -8.68 10.32 21.72
CA LEU A 174 -9.00 8.93 21.40
C LEU A 174 -8.72 8.08 22.63
N ALA A 175 -9.76 7.37 23.09
CA ALA A 175 -9.72 6.61 24.33
C ALA A 175 -8.99 5.29 24.12
N SER A 176 -8.42 4.76 25.21
CA SER A 176 -7.69 3.51 25.15
C SER A 176 -8.65 2.31 25.05
N HIS A 177 -9.89 2.50 25.54
CA HIS A 177 -10.83 1.41 25.73
C HIS A 177 -11.88 1.36 24.62
N ARG A 178 -11.93 2.39 23.77
CA ARG A 178 -12.96 2.46 22.73
C ARG A 178 -12.48 3.38 21.62
N GLY A 179 -12.77 3.00 20.38
CA GLY A 179 -12.17 3.65 19.21
C GLY A 179 -13.01 4.80 18.65
N ILE A 180 -13.54 5.64 19.55
CA ILE A 180 -14.33 6.80 19.17
C ILE A 180 -13.39 7.99 18.95
N ALA A 181 -13.43 8.57 17.76
CA ALA A 181 -12.73 9.82 17.47
C ALA A 181 -13.52 10.98 18.03
N GLN A 182 -12.95 11.67 19.02
CA GLN A 182 -13.62 12.80 19.63
C GLN A 182 -13.48 14.02 18.73
N PRO A 183 -14.54 14.86 18.60
CA PRO A 183 -14.48 16.09 17.81
C PRO A 183 -13.67 17.17 18.53
N ALA A 184 -12.33 17.04 18.44
CA ALA A 184 -11.42 17.82 19.26
C ALA A 184 -11.48 19.29 18.88
N ALA A 185 -11.32 19.57 17.57
CA ALA A 185 -11.21 20.93 17.06
C ALA A 185 -12.46 21.74 17.44
N GLU A 186 -13.64 21.12 17.26
CA GLU A 186 -14.91 21.77 17.48
C GLU A 186 -15.08 22.06 18.98
N LEU A 187 -14.55 21.18 19.83
CA LEU A 187 -14.64 21.38 21.26
C LEU A 187 -13.65 22.46 21.70
N VAL A 188 -12.50 22.55 21.02
CA VAL A 188 -11.47 23.48 21.44
C VAL A 188 -11.93 24.92 21.21
N GLU A 189 -12.65 25.17 20.11
CA GLU A 189 -13.12 26.52 19.84
C GLU A 189 -14.27 26.87 20.78
N ALA A 190 -15.12 25.89 21.10
CA ALA A 190 -16.20 26.07 22.07
C ALA A 190 -15.66 26.45 23.45
N CYS A 191 -14.57 25.77 23.87
CA CYS A 191 -13.95 26.02 25.16
C CYS A 191 -13.25 27.37 25.19
N HIS A 192 -12.66 27.76 24.04
CA HIS A 192 -11.98 29.05 23.92
C HIS A 192 -12.99 30.19 23.89
N ASN A 193 -14.18 29.95 23.30
CA ASN A 193 -15.28 30.91 23.32
C ASN A 193 -15.74 31.19 24.75
N ALA A 194 -15.68 30.16 25.61
CA ALA A 194 -16.02 30.32 27.02
C ALA A 194 -14.82 30.80 27.84
N GLY A 195 -13.64 30.91 27.22
CA GLY A 195 -12.45 31.46 27.87
C GLY A 195 -11.73 30.45 28.76
N ILE A 196 -11.74 29.17 28.34
CA ILE A 196 -11.23 28.06 29.13
C ILE A 196 -10.17 27.32 28.32
N PRO A 197 -8.95 27.11 28.86
CA PRO A 197 -7.91 26.35 28.15
C PRO A 197 -8.22 24.86 28.03
N VAL A 198 -7.60 24.20 27.05
CA VAL A 198 -7.85 22.78 26.79
C VAL A 198 -6.53 22.02 26.77
N VAL A 199 -6.48 20.95 27.58
CA VAL A 199 -5.41 19.96 27.52
C VAL A 199 -5.92 18.74 26.76
N ILE A 200 -5.04 18.13 25.95
CA ILE A 200 -5.43 16.97 25.17
C ILE A 200 -4.51 15.79 25.47
N ASP A 201 -5.12 14.65 25.82
CA ASP A 201 -4.45 13.37 25.91
C ASP A 201 -4.46 12.72 24.52
N ALA A 202 -3.33 12.87 23.82
CA ALA A 202 -3.17 12.36 22.46
C ALA A 202 -2.26 11.14 22.48
N ALA A 203 -2.35 10.32 23.53
CA ALA A 203 -1.54 9.12 23.65
C ALA A 203 -1.92 8.14 22.54
N GLN A 204 -3.22 8.02 22.27
CA GLN A 204 -3.70 7.16 21.19
C GLN A 204 -3.83 7.96 19.89
N ALA A 205 -4.02 9.29 19.99
CA ALA A 205 -4.42 10.10 18.84
C ALA A 205 -3.20 10.52 18.02
N LEU A 206 -2.08 10.83 18.67
CA LEU A 206 -0.92 11.34 17.96
C LEU A 206 -0.41 10.25 17.02
N GLY A 207 -0.33 10.59 15.73
CA GLY A 207 0.08 9.65 14.70
C GLY A 207 -1.11 8.87 14.13
N HIS A 208 -2.33 9.34 14.40
CA HIS A 208 -3.54 8.55 14.23
C HIS A 208 -4.71 9.44 13.84
N LEU A 209 -4.90 10.53 14.59
CA LEU A 209 -5.88 11.56 14.29
C LEU A 209 -5.15 12.88 14.00
N ASP A 210 -5.86 13.81 13.35
CA ASP A 210 -5.40 15.18 13.19
C ASP A 210 -5.34 15.82 14.58
N CYS A 211 -4.13 16.02 15.10
CA CYS A 211 -3.94 16.60 16.42
C CYS A 211 -3.60 18.09 16.32
N ASN A 212 -3.72 18.66 15.11
CA ASN A 212 -3.58 20.10 14.90
C ASN A 212 -4.96 20.73 15.04
N VAL A 213 -5.29 21.17 16.26
CA VAL A 213 -6.65 21.56 16.61
C VAL A 213 -6.65 22.77 17.55
N GLY A 214 -5.48 23.40 17.76
CA GLY A 214 -5.38 24.65 18.50
C GLY A 214 -5.55 24.49 20.01
N ALA A 215 -5.15 23.34 20.55
CA ALA A 215 -5.20 23.10 21.99
C ALA A 215 -4.10 23.90 22.68
N ASP A 216 -4.21 24.05 24.00
CA ASP A 216 -3.29 24.85 24.78
C ASP A 216 -2.14 23.99 25.30
N ALA A 217 -2.43 22.70 25.53
CA ALA A 217 -1.41 21.72 25.87
C ALA A 217 -1.80 20.36 25.27
N VAL A 218 -0.78 19.59 24.87
CA VAL A 218 -0.98 18.26 24.33
C VAL A 218 0.16 17.36 24.82
N TYR A 219 -0.17 16.09 25.09
CA TYR A 219 0.84 15.11 25.47
C TYR A 219 0.55 13.77 24.79
N SER A 220 1.58 12.94 24.68
CA SER A 220 1.46 11.64 24.03
C SER A 220 2.64 10.75 24.39
N SER A 221 2.62 9.53 23.82
CA SER A 221 3.57 8.48 24.13
C SER A 221 4.29 8.00 22.87
N SER A 222 5.56 7.66 23.05
CA SER A 222 6.45 7.26 21.98
C SER A 222 6.05 5.92 21.38
N ARG A 223 5.65 4.98 22.24
CA ARG A 223 5.68 3.55 21.94
C ARG A 223 4.45 3.08 21.19
N LYS A 224 3.44 3.95 21.00
CA LYS A 224 2.17 3.52 20.44
C LYS A 224 2.22 3.73 18.91
N TRP A 225 1.40 4.63 18.36
CA TRP A 225 1.18 4.67 16.92
C TRP A 225 2.38 5.22 16.15
N LEU A 226 3.30 5.92 16.84
CA LEU A 226 4.51 6.41 16.21
C LEU A 226 5.61 5.35 16.26
N ALA A 227 5.35 4.25 16.98
CA ALA A 227 6.23 3.08 17.01
C ALA A 227 7.65 3.46 17.41
N GLY A 228 7.78 4.23 18.50
CA GLY A 228 9.07 4.59 19.07
C GLY A 228 9.39 3.74 20.29
N PRO A 229 10.51 4.00 20.99
CA PRO A 229 10.87 3.27 22.21
C PRO A 229 9.93 3.52 23.39
N ARG A 230 9.83 2.52 24.27
CA ARG A 230 9.17 2.70 25.56
C ARG A 230 9.99 3.66 26.40
N GLY A 231 9.33 4.30 27.36
CA GLY A 231 10.00 5.13 28.36
C GLY A 231 10.12 6.59 27.93
N VAL A 232 9.42 6.94 26.84
CA VAL A 232 9.44 8.29 26.30
C VAL A 232 8.01 8.73 26.03
N GLY A 233 7.76 10.01 26.31
CA GLY A 233 6.57 10.72 25.86
C GLY A 233 6.92 12.18 25.58
N VAL A 234 5.91 12.97 25.22
CA VAL A 234 6.11 14.39 24.94
C VAL A 234 4.99 15.20 25.59
N LEU A 235 5.36 16.38 26.08
CA LEU A 235 4.42 17.37 26.57
C LEU A 235 4.69 18.69 25.87
N ALA A 236 3.64 19.28 25.27
CA ALA A 236 3.74 20.57 24.60
C ALA A 236 2.77 21.55 25.26
N VAL A 237 3.28 22.74 25.59
CA VAL A 237 2.48 23.78 26.24
C VAL A 237 2.76 25.12 25.58
N ARG A 238 1.69 25.81 25.19
CA ARG A 238 1.80 27.14 24.60
C ARG A 238 2.38 28.13 25.63
N PRO A 239 3.20 29.11 25.18
CA PRO A 239 3.95 29.98 26.10
C PRO A 239 3.11 30.83 27.06
N GLU A 240 1.90 31.21 26.61
CA GLU A 240 0.98 32.00 27.40
C GLU A 240 0.67 31.23 28.68
N LEU A 241 0.37 29.93 28.50
CA LEU A 241 0.04 29.02 29.58
C LEU A 241 1.31 28.60 30.32
N ALA A 242 2.37 28.28 29.57
CA ALA A 242 3.59 27.73 30.13
C ALA A 242 4.13 28.61 31.26
N GLU A 243 4.05 29.93 31.11
CA GLU A 243 4.73 30.81 32.05
C GLU A 243 3.84 31.12 33.26
N ARG A 244 2.56 30.71 33.22
CA ARG A 244 1.69 30.80 34.38
C ARG A 244 1.88 29.60 35.32
N LEU A 245 2.50 28.53 34.79
CA LEU A 245 2.69 27.29 35.52
C LEU A 245 3.74 27.47 36.63
N GLN A 246 3.54 26.72 37.73
CA GLN A 246 4.42 26.77 38.89
C GLN A 246 4.90 25.36 39.23
N PRO A 247 6.01 24.89 38.61
CA PRO A 247 6.49 23.52 38.82
C PRO A 247 6.73 23.14 40.29
N ARG A 248 6.28 21.93 40.62
CA ARG A 248 6.44 21.34 41.95
C ARG A 248 7.92 21.21 42.31
N ILE A 249 8.72 20.64 41.39
CA ILE A 249 10.17 20.55 41.56
C ILE A 249 10.85 21.30 40.40
N PRO A 250 11.88 22.14 40.67
CA PRO A 250 12.24 22.58 42.02
C PRO A 250 11.19 23.51 42.62
N PRO A 251 11.26 23.80 43.95
CA PRO A 251 10.39 24.80 44.57
C PRO A 251 10.50 26.16 43.89
N SER A 252 9.47 27.00 44.05
CA SER A 252 9.36 28.27 43.35
C SER A 252 10.37 29.28 43.90
N ASP A 253 10.86 29.06 45.14
CA ASP A 253 11.90 29.88 45.74
C ASP A 253 13.22 29.11 45.73
N TRP A 254 13.71 28.79 44.53
CA TRP A 254 14.93 28.00 44.35
C TRP A 254 16.02 28.84 43.68
N PRO A 255 17.32 28.62 44.02
CA PRO A 255 18.43 29.39 43.45
C PRO A 255 18.53 29.47 41.92
N ILE A 256 18.62 28.32 41.25
CA ILE A 256 19.08 28.24 39.86
C ILE A 256 17.95 28.62 38.91
N PRO A 257 18.03 29.78 38.19
CA PRO A 257 16.91 30.27 37.39
C PRO A 257 16.82 29.62 36.01
N MET A 258 15.66 28.99 35.73
CA MET A 258 15.40 28.35 34.45
C MET A 258 13.91 28.43 34.16
N SER A 259 13.54 28.30 32.88
CA SER A 259 12.15 28.46 32.45
C SER A 259 11.31 27.29 32.93
N VAL A 260 9.98 27.44 32.88
CA VAL A 260 9.06 26.41 33.31
C VAL A 260 9.33 25.12 32.55
N LEU A 261 9.41 25.19 31.21
CA LEU A 261 9.57 24.00 30.39
C LEU A 261 10.91 23.33 30.69
N GLU A 262 11.94 24.13 31.02
CA GLU A 262 13.24 23.57 31.37
C GLU A 262 13.14 22.80 32.69
N LYS A 263 12.31 23.30 33.61
CA LYS A 263 12.08 22.64 34.90
C LYS A 263 11.34 21.32 34.70
N LEU A 264 10.35 21.30 33.80
CA LEU A 264 9.53 20.12 33.56
C LEU A 264 10.35 19.00 32.89
N GLU A 265 11.31 19.38 32.03
CA GLU A 265 12.10 18.40 31.29
C GLU A 265 13.30 17.93 32.12
N LEU A 266 13.45 18.45 33.33
CA LEU A 266 14.58 18.16 34.19
C LEU A 266 14.46 16.73 34.71
N GLY A 267 15.61 16.03 34.78
CA GLY A 267 15.69 14.70 35.37
C GLY A 267 16.40 13.70 34.47
N GLU A 268 17.04 12.70 35.11
CA GLU A 268 17.64 11.55 34.44
C GLU A 268 16.60 10.86 33.57
N HIS A 269 17.06 10.35 32.42
CA HIS A 269 16.19 9.77 31.41
C HIS A 269 17.05 8.94 30.47
N ASN A 270 16.42 8.10 29.65
CA ASN A 270 17.15 7.38 28.62
C ASN A 270 17.25 8.27 27.39
N ALA A 271 18.43 8.87 27.19
CA ALA A 271 18.69 9.76 26.07
C ALA A 271 18.60 8.98 24.76
N ALA A 272 19.20 7.78 24.73
CA ALA A 272 19.18 6.93 23.55
C ALA A 272 17.75 6.75 23.05
N ALA A 273 16.81 6.50 23.97
CA ALA A 273 15.43 6.22 23.61
C ALA A 273 14.78 7.46 23.01
N ARG A 274 15.23 8.64 23.47
CA ARG A 274 14.75 9.90 22.94
C ARG A 274 15.21 10.08 21.50
N VAL A 275 16.45 9.71 21.17
CA VAL A 275 16.88 9.83 19.78
C VAL A 275 16.15 8.77 18.96
N GLY A 276 15.95 7.58 19.55
CA GLY A 276 15.09 6.59 18.94
C GLY A 276 13.74 7.19 18.53
N PHE A 277 13.13 7.93 19.46
CA PHE A 277 11.82 8.51 19.22
C PHE A 277 11.87 9.48 18.04
N SER A 278 12.89 10.36 18.04
CA SER A 278 13.06 11.35 16.99
C SER A 278 13.09 10.70 15.61
N VAL A 279 13.84 9.59 15.49
CA VAL A 279 13.87 8.81 14.26
C VAL A 279 12.46 8.38 13.89
N ALA A 280 11.67 7.97 14.89
CA ALA A 280 10.35 7.39 14.69
C ALA A 280 9.33 8.41 14.20
N VAL A 281 9.34 9.64 14.76
CA VAL A 281 8.47 10.70 14.28
C VAL A 281 8.90 11.09 12.87
N GLY A 282 10.22 11.18 12.66
CA GLY A 282 10.80 11.36 11.34
C GLY A 282 10.15 10.43 10.30
N GLU A 283 10.06 9.14 10.65
CA GLU A 283 9.51 8.13 9.76
C GLU A 283 8.03 8.36 9.50
N HIS A 284 7.30 8.91 10.48
CA HIS A 284 5.89 9.17 10.31
C HIS A 284 5.70 10.31 9.31
N LEU A 285 6.46 11.41 9.51
CA LEU A 285 6.44 12.57 8.63
C LEU A 285 6.86 12.15 7.22
N ALA A 286 7.91 11.34 7.12
CA ALA A 286 8.43 10.87 5.85
C ALA A 286 7.35 10.12 5.06
N ALA A 287 6.57 9.29 5.75
CA ALA A 287 5.56 8.47 5.11
C ALA A 287 4.32 9.29 4.76
N GLY A 288 4.18 10.48 5.38
CA GLY A 288 3.04 11.35 5.11
C GLY A 288 1.93 11.16 6.14
N PRO A 289 1.85 12.04 7.16
CA PRO A 289 0.79 11.97 8.17
C PRO A 289 -0.59 11.64 7.61
N THR A 290 -1.02 12.39 6.61
CA THR A 290 -2.38 12.31 6.11
C THR A 290 -2.64 10.94 5.50
N ALA A 291 -1.64 10.42 4.76
CA ALA A 291 -1.76 9.12 4.10
C ALA A 291 -1.83 8.01 5.13
N VAL A 292 -1.03 8.13 6.20
CA VAL A 292 -0.96 7.11 7.24
C VAL A 292 -2.30 7.07 7.99
N ARG A 293 -2.86 8.24 8.27
CA ARG A 293 -4.11 8.35 9.02
C ARG A 293 -5.28 7.76 8.24
N GLU A 294 -5.31 8.01 6.93
CA GLU A 294 -6.40 7.52 6.09
C GLU A 294 -6.33 5.99 5.99
N ARG A 295 -5.12 5.44 6.09
CA ARG A 295 -4.91 4.01 6.05
C ARG A 295 -5.38 3.37 7.36
N LEU A 296 -5.04 3.99 8.50
CA LEU A 296 -5.44 3.50 9.80
C LEU A 296 -6.97 3.51 9.92
N ALA A 297 -7.59 4.58 9.39
CA ALA A 297 -9.04 4.69 9.37
C ALA A 297 -9.64 3.51 8.58
N GLU A 298 -8.98 3.15 7.48
CA GLU A 298 -9.44 2.07 6.63
C GLU A 298 -9.20 0.73 7.32
N VAL A 299 -8.08 0.60 8.05
CA VAL A 299 -7.82 -0.59 8.84
C VAL A 299 -8.98 -0.84 9.81
N GLY A 300 -9.52 0.24 10.38
CA GLY A 300 -10.65 0.14 11.30
C GLY A 300 -11.92 -0.34 10.61
N ARG A 301 -12.22 0.27 9.44
CA ARG A 301 -13.36 -0.12 8.63
C ARG A 301 -13.32 -1.62 8.38
N LEU A 302 -12.19 -2.10 7.83
CA LEU A 302 -12.02 -3.51 7.46
C LEU A 302 -12.18 -4.41 8.67
N SER A 303 -11.68 -3.96 9.83
CA SER A 303 -11.73 -4.74 11.06
C SER A 303 -13.17 -4.99 11.47
N ARG A 304 -14.01 -3.95 11.34
CA ARG A 304 -15.38 -4.00 11.83
C ARG A 304 -16.28 -4.74 10.84
N GLN A 305 -15.91 -4.71 9.55
CA GLN A 305 -16.58 -5.51 8.54
C GLN A 305 -16.33 -6.99 8.80
N VAL A 306 -15.06 -7.36 9.05
CA VAL A 306 -14.64 -8.74 9.21
C VAL A 306 -15.18 -9.33 10.52
N LEU A 307 -15.35 -8.50 11.55
CA LEU A 307 -15.78 -8.97 12.86
C LEU A 307 -17.29 -8.77 13.02
N ALA A 308 -17.95 -8.27 11.97
CA ALA A 308 -19.37 -7.92 12.02
C ALA A 308 -20.19 -9.06 12.61
N GLU A 309 -19.89 -10.30 12.18
CA GLU A 309 -20.63 -11.48 12.63
C GLU A 309 -19.65 -12.49 13.21
N VAL A 310 -19.46 -12.39 14.54
CA VAL A 310 -18.84 -13.43 15.34
C VAL A 310 -19.78 -13.72 16.50
N ASP A 311 -20.04 -15.01 16.77
CA ASP A 311 -20.94 -15.39 17.84
C ASP A 311 -20.16 -15.37 19.16
N GLY A 312 -20.74 -14.68 20.15
CA GLY A 312 -20.12 -14.55 21.47
C GLY A 312 -19.34 -13.25 21.62
N TRP A 313 -19.44 -12.36 20.61
CA TRP A 313 -18.71 -11.11 20.56
C TRP A 313 -19.49 -10.12 19.68
N ARG A 314 -19.64 -8.87 20.14
CA ARG A 314 -20.18 -7.82 19.29
C ARG A 314 -19.22 -6.64 19.24
N VAL A 315 -19.11 -6.04 18.04
CA VAL A 315 -18.29 -4.87 17.80
C VAL A 315 -18.99 -3.66 18.43
N VAL A 316 -18.22 -2.80 19.10
CA VAL A 316 -18.79 -1.72 19.91
C VAL A 316 -18.83 -0.42 19.10
N GLU A 317 -17.78 -0.16 18.31
CA GLU A 317 -17.66 1.10 17.60
C GLU A 317 -18.55 1.10 16.35
N PRO A 318 -19.23 2.23 16.03
CA PRO A 318 -19.76 2.44 14.68
C PRO A 318 -18.73 2.02 13.64
N VAL A 319 -19.22 1.61 12.46
CA VAL A 319 -18.43 0.85 11.51
C VAL A 319 -17.46 1.75 10.74
N ASP A 320 -17.71 3.07 10.77
CA ASP A 320 -16.94 4.01 9.96
C ASP A 320 -16.40 5.14 10.84
N GLN A 321 -15.95 4.79 12.05
CA GLN A 321 -15.15 5.68 12.87
C GLN A 321 -13.73 5.67 12.32
N PRO A 322 -13.09 6.85 12.11
CA PRO A 322 -11.75 6.92 11.52
C PRO A 322 -10.62 6.57 12.48
N THR A 323 -10.60 5.31 12.95
CA THR A 323 -9.61 4.84 13.90
C THR A 323 -9.31 3.37 13.62
N ALA A 324 -8.18 2.88 14.14
CA ALA A 324 -7.80 1.49 14.01
C ALA A 324 -8.21 0.67 15.23
N ILE A 325 -8.69 1.36 16.27
CA ILE A 325 -9.08 0.71 17.52
C ILE A 325 -10.49 0.16 17.37
N THR A 326 -10.62 -1.16 17.56
CA THR A 326 -11.88 -1.87 17.52
C THR A 326 -12.00 -2.73 18.77
N THR A 327 -13.13 -2.61 19.48
CA THR A 327 -13.31 -3.32 20.74
C THR A 327 -14.52 -4.25 20.64
N LEU A 328 -14.40 -5.40 21.32
CA LEU A 328 -15.36 -6.48 21.27
C LEU A 328 -15.87 -6.74 22.70
N GLU A 329 -17.20 -6.79 22.85
CA GLU A 329 -17.83 -7.13 24.12
C GLU A 329 -18.44 -8.52 24.02
N SER A 330 -18.21 -9.35 25.05
CA SER A 330 -18.70 -10.73 25.04
C SER A 330 -20.19 -10.76 25.34
N THR A 331 -20.91 -11.63 24.61
CA THR A 331 -22.34 -11.76 24.75
C THR A 331 -22.69 -13.04 25.53
N ASP A 332 -21.68 -13.85 25.88
CA ASP A 332 -21.88 -15.03 26.70
C ASP A 332 -20.85 -15.06 27.85
N GLY A 333 -20.67 -13.89 28.49
CA GLY A 333 -19.95 -13.78 29.75
C GLY A 333 -18.53 -14.34 29.74
N ALA A 334 -17.84 -14.28 28.58
CA ALA A 334 -16.46 -14.72 28.49
C ALA A 334 -15.54 -13.61 28.99
N ASP A 335 -14.40 -14.01 29.60
CA ASP A 335 -13.46 -13.05 30.19
C ASP A 335 -12.38 -12.70 29.17
N PRO A 336 -12.26 -11.41 28.75
CA PRO A 336 -11.28 -11.02 27.73
C PRO A 336 -9.83 -11.29 28.11
N ALA A 337 -9.50 -11.13 29.41
CA ALA A 337 -8.16 -11.40 29.91
C ALA A 337 -7.77 -12.84 29.61
N SER A 338 -8.71 -13.77 29.77
CA SER A 338 -8.47 -15.20 29.52
C SER A 338 -8.32 -15.44 28.02
N VAL A 339 -9.21 -14.84 27.23
CA VAL A 339 -9.18 -14.98 25.79
C VAL A 339 -7.85 -14.45 25.27
N ARG A 340 -7.44 -13.28 25.75
CA ARG A 340 -6.18 -12.67 25.35
C ARG A 340 -5.02 -13.64 25.61
N SER A 341 -5.03 -14.27 26.80
CA SER A 341 -3.98 -15.18 27.22
C SER A 341 -3.92 -16.40 26.31
N TRP A 342 -5.11 -16.94 25.99
CA TRP A 342 -5.22 -18.09 25.10
C TRP A 342 -4.66 -17.74 23.73
N LEU A 343 -5.08 -16.59 23.19
CA LEU A 343 -4.68 -16.12 21.87
C LEU A 343 -3.15 -16.03 21.76
N ILE A 344 -2.49 -15.62 22.86
CA ILE A 344 -1.04 -15.46 22.87
C ILE A 344 -0.38 -16.83 22.93
N ALA A 345 -0.75 -17.61 23.96
CA ALA A 345 -0.06 -18.85 24.29
C ALA A 345 -0.24 -19.89 23.18
N GLU A 346 -1.41 -19.88 22.51
CA GLU A 346 -1.76 -20.93 21.56
C GLU A 346 -1.55 -20.46 20.11
N ARG A 347 -2.06 -19.26 19.78
CA ARG A 347 -2.13 -18.82 18.39
C ARG A 347 -1.19 -17.66 18.09
N GLY A 348 -0.45 -17.18 19.10
CA GLY A 348 0.53 -16.11 18.93
C GLY A 348 -0.08 -14.78 18.46
N ILE A 349 -1.36 -14.55 18.81
CA ILE A 349 -2.07 -13.33 18.42
C ILE A 349 -2.10 -12.37 19.62
N VAL A 350 -1.52 -11.18 19.43
CA VAL A 350 -1.36 -10.22 20.52
C VAL A 350 -2.52 -9.24 20.50
N THR A 351 -3.12 -9.04 21.69
CA THR A 351 -4.32 -8.23 21.87
C THR A 351 -4.26 -7.58 23.25
N THR A 352 -5.24 -6.74 23.56
CA THR A 352 -5.33 -6.11 24.88
C THR A 352 -6.71 -6.36 25.46
N ALA A 353 -6.74 -6.68 26.76
CA ALA A 353 -7.98 -6.83 27.51
C ALA A 353 -8.16 -5.59 28.38
N CYS A 354 -9.22 -4.82 28.11
CA CYS A 354 -9.49 -3.61 28.86
C CYS A 354 -10.42 -3.90 30.03
N GLU A 355 -9.92 -3.67 31.25
CA GLU A 355 -10.72 -3.86 32.46
C GLU A 355 -11.57 -2.61 32.68
N LEU A 356 -12.48 -2.68 33.66
CA LEU A 356 -13.34 -1.55 33.99
C LEU A 356 -12.49 -0.38 34.48
N ALA A 357 -11.38 -0.70 35.16
CA ALA A 357 -10.53 0.31 35.79
C ALA A 357 -9.91 1.26 34.75
N ARG A 358 -9.90 0.87 33.48
CA ARG A 358 -9.38 1.73 32.42
C ARG A 358 -10.28 2.95 32.18
N ALA A 359 -11.59 2.80 32.37
CA ALA A 359 -12.51 3.91 32.23
C ALA A 359 -13.68 3.71 33.18
N PRO A 360 -13.46 3.85 34.51
CA PRO A 360 -14.40 3.36 35.51
C PRO A 360 -15.79 4.01 35.44
N PHE A 361 -15.87 5.26 34.94
CA PHE A 361 -17.14 5.97 34.94
C PHE A 361 -17.86 5.86 33.60
N GLU A 362 -17.48 4.89 32.76
CA GLU A 362 -18.15 4.65 31.48
C GLU A 362 -18.33 3.16 31.25
N MET A 363 -17.25 2.39 31.42
CA MET A 363 -17.27 0.95 31.17
C MET A 363 -18.09 0.24 32.24
N ARG A 364 -19.03 -0.60 31.79
CA ARG A 364 -19.82 -1.45 32.68
C ARG A 364 -19.31 -2.89 32.63
N THR A 365 -18.56 -3.23 31.59
CA THR A 365 -18.17 -4.60 31.33
C THR A 365 -16.87 -4.63 30.51
N PRO A 366 -15.90 -5.53 30.79
CA PRO A 366 -14.61 -5.55 30.10
C PRO A 366 -14.76 -5.84 28.61
N VAL A 367 -13.72 -5.51 27.83
CA VAL A 367 -13.73 -5.70 26.39
C VAL A 367 -12.37 -6.17 25.92
N LEU A 368 -12.37 -6.78 24.72
CA LEU A 368 -11.14 -7.16 24.02
C LEU A 368 -10.86 -6.10 22.96
N ARG A 369 -9.62 -5.59 22.92
CA ARG A 369 -9.25 -4.49 22.05
C ARG A 369 -8.23 -4.95 21.02
N ILE A 370 -8.58 -4.80 19.74
CA ILE A 370 -7.61 -4.93 18.66
C ILE A 370 -7.24 -3.52 18.17
N SER A 371 -5.96 -3.36 17.86
CA SER A 371 -5.40 -2.08 17.47
C SER A 371 -4.24 -2.34 16.49
N PRO A 372 -4.56 -2.81 15.25
CA PRO A 372 -3.53 -3.12 14.26
C PRO A 372 -3.07 -1.86 13.55
N HIS A 373 -1.82 -1.88 13.07
CA HIS A 373 -1.27 -0.73 12.36
C HIS A 373 -1.57 -0.93 10.86
N VAL A 374 -0.89 -0.12 10.02
CA VAL A 374 -1.14 -0.03 8.59
C VAL A 374 -0.90 -1.37 7.89
N ASP A 375 0.00 -2.19 8.46
CA ASP A 375 0.52 -3.38 7.82
C ASP A 375 -0.50 -4.52 7.78
N VAL A 376 -1.57 -4.44 8.57
CA VAL A 376 -2.50 -5.55 8.69
C VAL A 376 -3.13 -5.85 7.32
N THR A 377 -3.31 -7.14 7.03
CA THR A 377 -4.00 -7.61 5.83
C THR A 377 -5.38 -8.13 6.23
N VAL A 378 -6.22 -8.38 5.21
CA VAL A 378 -7.57 -8.88 5.43
C VAL A 378 -7.52 -10.35 5.83
N ASP A 379 -6.50 -11.08 5.37
CA ASP A 379 -6.31 -12.48 5.74
C ASP A 379 -6.01 -12.57 7.22
N GLU A 380 -5.24 -11.60 7.73
CA GLU A 380 -4.84 -11.58 9.13
C GLU A 380 -6.06 -11.31 10.01
N LEU A 381 -6.96 -10.46 9.55
CA LEU A 381 -8.17 -10.14 10.30
C LEU A 381 -9.11 -11.35 10.30
N GLU A 382 -9.00 -12.23 9.29
CA GLU A 382 -9.80 -13.43 9.19
C GLU A 382 -9.25 -14.52 10.14
N GLN A 383 -7.92 -14.64 10.22
CA GLN A 383 -7.28 -15.56 11.14
C GLN A 383 -7.66 -15.27 12.58
N PHE A 384 -7.81 -13.97 12.90
CA PHE A 384 -8.22 -13.54 14.23
C PHE A 384 -9.67 -13.97 14.48
N ALA A 385 -10.57 -13.62 13.57
CA ALA A 385 -11.99 -13.96 13.69
C ALA A 385 -12.17 -15.48 13.82
N ALA A 386 -11.41 -16.24 13.02
CA ALA A 386 -11.36 -17.69 13.10
C ALA A 386 -10.97 -18.14 14.51
N ALA A 387 -9.82 -17.62 15.00
CA ALA A 387 -9.29 -17.97 16.31
C ALA A 387 -10.24 -17.52 17.43
N LEU A 388 -11.02 -16.47 17.15
CA LEU A 388 -11.91 -15.90 18.15
C LEU A 388 -13.13 -16.80 18.33
N ARG A 389 -13.47 -17.58 17.29
CA ARG A 389 -14.60 -18.48 17.33
C ARG A 389 -14.26 -19.72 18.16
N GLU A 390 -13.11 -20.34 17.87
CA GLU A 390 -12.71 -21.57 18.52
C GLU A 390 -11.93 -21.28 19.81
N ALA A 391 -12.38 -20.26 20.55
CA ALA A 391 -11.72 -19.82 21.77
C ALA A 391 -12.47 -20.34 22.99
N PRO A 392 -11.78 -20.96 23.97
CA PRO A 392 -12.43 -21.41 25.21
C PRO A 392 -12.62 -20.26 26.22
N MET B 21 -0.23 -24.21 -41.51
CA MET B 21 -0.83 -25.53 -41.14
C MET B 21 0.24 -26.63 -41.11
N VAL B 22 1.32 -26.49 -41.90
CA VAL B 22 2.36 -27.50 -41.98
C VAL B 22 3.59 -27.02 -41.19
N MET B 23 3.82 -27.66 -40.03
CA MET B 23 5.08 -27.61 -39.31
C MET B 23 5.32 -26.19 -38.80
N LEU B 24 4.28 -25.63 -38.18
CA LEU B 24 4.28 -24.32 -37.54
C LEU B 24 5.51 -24.09 -36.66
N ALA B 25 5.78 -25.05 -35.76
CA ALA B 25 6.87 -24.93 -34.80
C ALA B 25 8.20 -24.70 -35.52
N GLN B 26 8.42 -25.46 -36.60
CA GLN B 26 9.67 -25.45 -37.35
C GLN B 26 9.82 -24.17 -38.18
N GLN B 27 8.75 -23.78 -38.89
CA GLN B 27 8.78 -22.57 -39.71
C GLN B 27 9.18 -21.39 -38.84
N TRP B 28 8.60 -21.34 -37.63
CA TRP B 28 8.88 -20.29 -36.68
C TRP B 28 10.36 -20.30 -36.31
N ARG B 29 10.86 -21.45 -35.85
CA ARG B 29 12.23 -21.59 -35.42
C ARG B 29 13.22 -21.17 -36.52
N ASP B 30 12.89 -21.50 -37.78
CA ASP B 30 13.82 -21.35 -38.89
C ASP B 30 13.74 -19.95 -39.51
N ALA B 31 12.71 -19.16 -39.14
CA ALA B 31 12.63 -17.78 -39.56
C ALA B 31 13.47 -16.87 -38.66
N ARG B 32 14.00 -17.46 -37.58
CA ARG B 32 14.75 -16.75 -36.55
C ARG B 32 16.20 -17.25 -36.53
N PRO B 33 17.17 -16.41 -36.11
CA PRO B 33 18.54 -16.86 -35.83
C PRO B 33 18.61 -18.11 -34.96
N LYS B 34 19.71 -18.86 -35.13
CA LYS B 34 19.97 -20.01 -34.27
C LYS B 34 20.17 -19.50 -32.85
N VAL B 35 19.43 -20.09 -31.90
CA VAL B 35 19.64 -19.83 -30.49
C VAL B 35 21.01 -20.37 -30.11
N ALA B 36 21.72 -19.64 -29.23
CA ALA B 36 23.04 -20.03 -28.78
C ALA B 36 22.92 -21.22 -27.84
N GLY B 37 22.16 -21.04 -26.75
CA GLY B 37 21.93 -22.11 -25.77
C GLY B 37 20.51 -22.66 -25.87
N LEU B 38 19.64 -22.16 -24.99
CA LEU B 38 18.24 -22.56 -24.96
C LEU B 38 17.40 -21.43 -24.37
N HIS B 39 16.40 -20.95 -25.14
CA HIS B 39 15.68 -19.72 -24.84
C HIS B 39 14.26 -20.03 -24.36
N LEU B 40 14.01 -19.81 -23.06
CA LEU B 40 12.70 -20.08 -22.49
C LEU B 40 12.14 -18.82 -21.82
N ASP B 41 12.19 -17.69 -22.56
CA ASP B 41 12.00 -16.39 -21.97
C ASP B 41 11.40 -15.41 -22.99
N SER B 42 10.38 -15.88 -23.72
CA SER B 42 9.71 -15.05 -24.71
C SER B 42 8.73 -14.09 -24.04
N GLY B 43 8.40 -14.37 -22.76
CA GLY B 43 7.57 -13.49 -21.96
C GLY B 43 8.34 -12.25 -21.50
N ALA B 44 9.68 -12.33 -21.51
CA ALA B 44 10.51 -11.16 -21.21
C ALA B 44 10.87 -10.47 -22.51
N CYS B 45 11.53 -11.20 -23.40
CA CYS B 45 11.92 -10.69 -24.69
C CYS B 45 12.14 -11.86 -25.64
N SER B 46 11.30 -11.95 -26.67
CA SER B 46 11.37 -13.04 -27.63
C SER B 46 12.45 -12.74 -28.66
N ARG B 47 12.37 -13.38 -29.84
CA ARG B 47 13.46 -13.37 -30.81
C ARG B 47 12.94 -12.89 -32.16
N GLN B 48 13.50 -11.78 -32.65
CA GLN B 48 13.10 -11.20 -33.91
C GLN B 48 13.46 -12.14 -35.07
N SER B 49 12.54 -12.28 -36.03
CA SER B 49 12.81 -12.96 -37.29
C SER B 49 13.84 -12.16 -38.10
N PHE B 50 14.45 -12.86 -39.07
CA PHE B 50 15.38 -12.23 -40.01
C PHE B 50 14.65 -11.10 -40.75
N ALA B 51 13.38 -11.33 -41.10
CA ALA B 51 12.60 -10.37 -41.85
C ALA B 51 12.41 -9.09 -41.04
N VAL B 52 12.09 -9.25 -39.74
CA VAL B 52 11.91 -8.12 -38.84
C VAL B 52 13.22 -7.34 -38.76
N ILE B 53 14.33 -8.05 -38.52
CA ILE B 53 15.63 -7.40 -38.37
C ILE B 53 15.98 -6.66 -39.65
N ASP B 54 15.72 -7.28 -40.81
CA ASP B 54 16.06 -6.69 -42.11
C ASP B 54 15.21 -5.46 -42.37
N ALA B 55 13.90 -5.55 -42.06
CA ALA B 55 12.96 -4.46 -42.26
C ALA B 55 13.38 -3.22 -41.46
N THR B 56 13.91 -3.45 -40.25
CA THR B 56 14.38 -2.37 -39.38
C THR B 56 15.63 -1.73 -39.97
N THR B 57 16.61 -2.57 -40.31
CA THR B 57 17.86 -2.11 -40.91
C THR B 57 17.57 -1.30 -42.18
N ALA B 58 16.61 -1.80 -42.98
CA ALA B 58 16.27 -1.23 -44.27
C ALA B 58 15.80 0.22 -44.10
N HIS B 59 14.95 0.45 -43.10
CA HIS B 59 14.37 1.76 -42.87
C HIS B 59 15.46 2.75 -42.46
N ALA B 60 16.39 2.30 -41.61
CA ALA B 60 17.50 3.13 -41.18
C ALA B 60 18.36 3.56 -42.37
N ARG B 61 18.62 2.62 -43.28
CA ARG B 61 19.35 2.93 -44.51
C ARG B 61 18.57 3.96 -45.32
N HIS B 62 17.23 3.78 -45.40
CA HIS B 62 16.40 4.67 -46.20
C HIS B 62 16.39 6.08 -45.59
N GLU B 63 16.36 6.16 -44.25
CA GLU B 63 16.49 7.43 -43.54
C GLU B 63 17.72 8.20 -44.05
N ALA B 64 18.82 7.48 -44.32
CA ALA B 64 20.10 8.08 -44.67
C ALA B 64 20.13 8.57 -46.11
N GLU B 65 19.29 7.99 -46.98
CA GLU B 65 19.28 8.31 -48.40
C GLU B 65 18.37 9.50 -48.68
N VAL B 66 17.10 9.39 -48.27
CA VAL B 66 16.05 10.29 -48.72
C VAL B 66 15.75 11.35 -47.66
N GLY B 67 16.27 11.17 -46.44
CA GLY B 67 15.92 12.01 -45.31
C GLY B 67 15.04 11.25 -44.32
N GLY B 68 15.23 11.53 -43.02
CA GLY B 68 14.64 10.71 -41.97
C GLY B 68 13.12 10.85 -41.89
N TYR B 69 12.63 12.08 -42.10
CA TYR B 69 11.21 12.37 -41.99
C TYR B 69 10.49 11.95 -43.26
N VAL B 70 11.15 12.09 -44.43
CA VAL B 70 10.54 11.69 -45.68
C VAL B 70 10.48 10.16 -45.73
N ALA B 71 11.47 9.49 -45.12
CA ALA B 71 11.48 8.04 -45.03
C ALA B 71 10.32 7.55 -44.16
N ALA B 72 10.04 8.29 -43.07
CA ALA B 72 8.96 7.97 -42.14
C ALA B 72 7.61 8.12 -42.83
N GLU B 73 7.45 9.21 -43.60
CA GLU B 73 6.25 9.44 -44.39
C GLU B 73 6.04 8.27 -45.35
N ALA B 74 7.12 7.87 -46.05
CA ALA B 74 7.06 6.81 -47.04
C ALA B 74 6.73 5.47 -46.40
N ALA B 75 6.79 5.38 -45.06
CA ALA B 75 6.57 4.12 -44.35
C ALA B 75 5.16 4.04 -43.80
N THR B 76 4.33 5.07 -44.05
CA THR B 76 2.98 5.14 -43.51
C THR B 76 2.18 3.88 -43.89
N PRO B 77 2.28 3.36 -45.14
CA PRO B 77 1.69 2.07 -45.48
C PRO B 77 1.96 0.95 -44.48
N ALA B 78 3.25 0.71 -44.17
CA ALA B 78 3.64 -0.38 -43.28
C ALA B 78 3.18 -0.11 -41.85
N LEU B 79 3.33 1.14 -41.40
CA LEU B 79 2.92 1.54 -40.06
C LEU B 79 1.42 1.33 -39.88
N ASP B 80 0.63 1.70 -40.90
CA ASP B 80 -0.82 1.59 -40.85
C ASP B 80 -1.24 0.13 -40.88
N ALA B 81 -0.52 -0.68 -41.66
CA ALA B 81 -0.73 -2.13 -41.69
C ALA B 81 -0.65 -2.71 -40.28
N GLY B 82 0.37 -2.27 -39.52
CA GLY B 82 0.62 -2.77 -38.18
C GLY B 82 -0.49 -2.39 -37.19
N ARG B 83 -0.99 -1.15 -37.29
CA ARG B 83 -2.13 -0.70 -36.52
C ARG B 83 -3.33 -1.62 -36.78
N ALA B 84 -3.56 -1.93 -38.07
CA ALA B 84 -4.71 -2.70 -38.50
C ALA B 84 -4.64 -4.15 -38.02
N ALA B 85 -3.45 -4.74 -38.09
CA ALA B 85 -3.22 -6.11 -37.65
C ALA B 85 -3.47 -6.21 -36.15
N VAL B 86 -3.03 -5.20 -35.41
CA VAL B 86 -3.25 -5.14 -33.98
C VAL B 86 -4.75 -5.01 -33.72
N ALA B 87 -5.39 -4.11 -34.49
CA ALA B 87 -6.81 -3.84 -34.33
C ALA B 87 -7.65 -5.11 -34.52
N SER B 88 -7.23 -5.97 -35.46
CA SER B 88 -8.00 -7.18 -35.77
C SER B 88 -7.93 -8.19 -34.62
N LEU B 89 -6.82 -8.14 -33.86
CA LEU B 89 -6.58 -9.08 -32.77
C LEU B 89 -7.36 -8.71 -31.51
N ILE B 90 -7.90 -7.47 -31.46
CA ILE B 90 -8.55 -6.97 -30.26
C ILE B 90 -9.99 -6.52 -30.55
N GLY B 91 -10.37 -6.47 -31.83
CA GLY B 91 -11.71 -6.06 -32.24
C GLY B 91 -11.91 -4.54 -32.15
N PHE B 92 -10.87 -3.78 -32.50
CA PHE B 92 -10.95 -2.33 -32.62
C PHE B 92 -10.79 -1.97 -34.10
N ALA B 93 -10.89 -0.67 -34.41
CA ALA B 93 -10.54 -0.17 -35.73
C ALA B 93 -9.08 0.27 -35.74
N ALA B 94 -8.43 0.18 -36.91
CA ALA B 94 -7.04 0.55 -37.07
C ALA B 94 -6.78 1.98 -36.59
N SER B 95 -7.80 2.83 -36.71
CA SER B 95 -7.66 4.24 -36.40
C SER B 95 -7.79 4.49 -34.89
N ASP B 96 -8.09 3.43 -34.13
CA ASP B 96 -8.12 3.50 -32.67
C ASP B 96 -6.76 3.17 -32.08
N VAL B 97 -5.82 2.70 -32.93
CA VAL B 97 -4.57 2.13 -32.46
C VAL B 97 -3.46 3.16 -32.65
N VAL B 98 -2.51 3.16 -31.71
CA VAL B 98 -1.45 4.16 -31.61
C VAL B 98 -0.16 3.48 -31.11
N TYR B 99 0.99 4.01 -31.52
CA TYR B 99 2.29 3.45 -31.14
C TYR B 99 2.83 4.17 -29.90
N THR B 100 3.48 3.39 -29.03
CA THR B 100 4.11 3.88 -27.81
C THR B 100 5.52 3.30 -27.71
N SER B 101 6.23 3.63 -26.61
CA SER B 101 7.52 3.05 -26.28
C SER B 101 7.38 1.68 -25.64
N GLY B 102 6.16 1.35 -25.16
CA GLY B 102 5.93 0.10 -24.47
C GLY B 102 4.62 0.13 -23.69
N SER B 103 4.40 -0.90 -22.86
CA SER B 103 3.17 -1.02 -22.08
C SER B 103 3.13 -0.04 -20.90
N ASN B 104 4.29 0.32 -20.35
CA ASN B 104 4.32 1.27 -19.24
C ASN B 104 4.06 2.66 -19.78
N HIS B 105 4.70 3.00 -20.91
CA HIS B 105 4.39 4.26 -21.57
C HIS B 105 2.89 4.35 -21.82
N ALA B 106 2.30 3.23 -22.28
CA ALA B 106 0.91 3.16 -22.68
C ALA B 106 -0.01 3.50 -21.50
N ILE B 107 0.19 2.84 -20.36
CA ILE B 107 -0.70 3.04 -19.22
C ILE B 107 -0.49 4.44 -18.63
N ASP B 108 0.72 4.98 -18.71
CA ASP B 108 0.99 6.31 -18.20
C ASP B 108 0.27 7.33 -19.08
N LEU B 109 0.34 7.16 -20.40
CA LEU B 109 -0.33 8.05 -21.34
C LEU B 109 -1.83 8.05 -21.05
N LEU B 110 -2.37 6.87 -20.74
CA LEU B 110 -3.80 6.71 -20.55
C LEU B 110 -4.22 7.37 -19.24
N LEU B 111 -3.56 6.98 -18.14
CA LEU B 111 -3.94 7.40 -16.81
C LEU B 111 -3.66 8.89 -16.59
N SER B 112 -2.59 9.41 -17.20
CA SER B 112 -2.28 10.82 -17.10
C SER B 112 -3.30 11.67 -17.88
N SER B 113 -4.11 11.02 -18.73
CA SER B 113 -5.04 11.71 -19.60
C SER B 113 -6.48 11.60 -19.10
N TRP B 114 -6.66 10.87 -17.99
CA TRP B 114 -7.97 10.45 -17.57
C TRP B 114 -8.74 11.60 -16.94
N PRO B 115 -10.02 11.81 -17.31
CA PRO B 115 -10.82 12.93 -16.78
C PRO B 115 -11.57 12.61 -15.48
N GLY B 116 -11.81 13.66 -14.68
CA GLY B 116 -12.69 13.55 -13.53
C GLY B 116 -12.10 12.67 -12.42
N LYS B 117 -12.99 12.04 -11.64
CA LYS B 117 -12.60 11.28 -10.46
C LYS B 117 -11.68 10.14 -10.90
N ARG B 118 -10.49 10.09 -10.28
CA ARG B 118 -9.48 9.09 -10.62
C ARG B 118 -9.49 7.99 -9.57
N THR B 119 -10.37 7.00 -9.81
CA THR B 119 -10.53 5.85 -8.95
C THR B 119 -10.60 4.64 -9.87
N LEU B 120 -9.93 3.54 -9.50
CA LEU B 120 -9.99 2.33 -10.32
C LEU B 120 -9.95 1.10 -9.41
N ALA B 121 -10.39 -0.03 -9.97
CA ALA B 121 -10.22 -1.34 -9.37
C ALA B 121 -9.36 -2.20 -10.27
N CYS B 122 -8.58 -3.10 -9.66
CA CYS B 122 -7.69 -3.98 -10.40
C CYS B 122 -7.46 -5.26 -9.61
N LEU B 123 -6.72 -6.20 -10.21
CA LEU B 123 -6.34 -7.44 -9.53
C LEU B 123 -5.37 -7.11 -8.39
N PRO B 124 -5.33 -7.91 -7.31
CA PRO B 124 -4.26 -7.82 -6.31
C PRO B 124 -2.90 -8.19 -6.90
N GLY B 125 -2.92 -9.05 -7.92
CA GLY B 125 -1.71 -9.47 -8.59
C GLY B 125 -1.24 -8.47 -9.65
N GLU B 126 -1.64 -7.20 -9.53
CA GLU B 126 -1.34 -6.21 -10.55
C GLU B 126 0.18 -6.02 -10.60
N TYR B 127 0.67 -5.84 -11.84
CA TYR B 127 2.07 -5.57 -12.12
C TYR B 127 2.51 -4.33 -11.35
N GLY B 128 3.63 -4.46 -10.62
CA GLY B 128 4.08 -3.43 -9.70
C GLY B 128 4.24 -2.08 -10.37
N PRO B 129 5.01 -1.99 -11.48
CA PRO B 129 5.15 -0.73 -12.23
C PRO B 129 3.84 -0.13 -12.74
N ASN B 130 2.79 -0.97 -12.91
CA ASN B 130 1.47 -0.44 -13.23
C ASN B 130 0.93 0.30 -12.01
N LEU B 131 1.01 -0.36 -10.84
CA LEU B 131 0.60 0.25 -9.57
C LEU B 131 1.34 1.57 -9.36
N SER B 132 2.64 1.55 -9.64
CA SER B 132 3.48 2.72 -9.54
C SER B 132 2.93 3.86 -10.41
N ALA B 133 2.53 3.56 -11.64
CA ALA B 133 2.00 4.57 -12.54
C ALA B 133 0.62 5.05 -12.07
N MET B 134 -0.19 4.11 -11.58
CA MET B 134 -1.52 4.43 -11.05
C MET B 134 -1.38 5.46 -9.93
N ALA B 135 -0.47 5.15 -8.99
CA ALA B 135 -0.15 6.03 -7.87
C ALA B 135 0.35 7.38 -8.36
N ALA B 136 1.28 7.37 -9.32
CA ALA B 136 1.91 8.60 -9.79
C ALA B 136 0.90 9.53 -10.46
N ASN B 137 -0.23 8.98 -10.94
CA ASN B 137 -1.26 9.77 -11.62
C ASN B 137 -2.44 10.03 -10.69
N GLY B 138 -2.26 9.74 -9.39
CA GLY B 138 -3.22 10.10 -8.36
C GLY B 138 -4.50 9.27 -8.43
N PHE B 139 -4.36 7.96 -8.68
CA PHE B 139 -5.50 7.06 -8.70
C PHE B 139 -5.62 6.38 -7.34
N GLN B 140 -6.84 6.28 -6.83
CA GLN B 140 -7.16 5.41 -5.71
C GLN B 140 -7.42 4.02 -6.28
N VAL B 141 -6.74 3.02 -5.71
CA VAL B 141 -6.73 1.69 -6.29
C VAL B 141 -7.36 0.73 -5.30
N ARG B 142 -8.38 0.01 -5.77
CA ARG B 142 -9.07 -0.99 -4.99
C ARG B 142 -8.80 -2.36 -5.61
N ALA B 143 -8.85 -3.41 -4.78
CA ALA B 143 -8.62 -4.78 -5.24
C ALA B 143 -9.95 -5.44 -5.61
N LEU B 144 -9.92 -6.23 -6.69
CA LEU B 144 -11.05 -7.05 -7.09
C LEU B 144 -10.96 -8.39 -6.38
N PRO B 145 -12.10 -9.03 -6.07
CA PRO B 145 -12.10 -10.33 -5.38
C PRO B 145 -11.64 -11.46 -6.29
N VAL B 146 -10.77 -12.33 -5.76
CA VAL B 146 -10.13 -13.39 -6.55
C VAL B 146 -10.11 -14.69 -5.73
N ASP B 147 -9.81 -15.79 -6.42
CA ASP B 147 -9.65 -17.10 -5.78
C ASP B 147 -8.22 -17.21 -5.25
N ASP B 148 -7.81 -18.44 -4.89
CA ASP B 148 -6.49 -18.70 -4.29
C ASP B 148 -5.38 -18.51 -5.33
N ASP B 149 -5.70 -18.73 -6.61
CA ASP B 149 -4.72 -18.67 -7.69
C ASP B 149 -4.53 -17.24 -8.19
N GLY B 150 -5.44 -16.34 -7.82
CA GLY B 150 -5.42 -14.95 -8.26
C GLY B 150 -6.38 -14.69 -9.41
N ARG B 151 -7.19 -15.71 -9.75
CA ARG B 151 -8.18 -15.61 -10.82
C ARG B 151 -9.39 -14.85 -10.29
N VAL B 152 -9.87 -13.86 -11.06
CA VAL B 152 -10.96 -13.03 -10.62
C VAL B 152 -12.24 -13.87 -10.52
N LEU B 153 -13.00 -13.59 -9.46
CA LEU B 153 -14.34 -14.14 -9.28
C LEU B 153 -15.34 -13.13 -9.83
N VAL B 154 -16.00 -13.52 -10.93
CA VAL B 154 -16.64 -12.54 -11.81
C VAL B 154 -17.93 -12.03 -11.19
N ASP B 155 -18.71 -12.94 -10.59
CA ASP B 155 -20.00 -12.59 -9.99
C ASP B 155 -19.80 -11.64 -8.81
N GLU B 156 -18.87 -12.00 -7.91
CA GLU B 156 -18.60 -11.20 -6.72
C GLU B 156 -18.10 -9.82 -7.12
N ALA B 157 -17.30 -9.77 -8.20
CA ALA B 157 -16.79 -8.53 -8.74
C ALA B 157 -17.93 -7.66 -9.25
N SER B 158 -18.94 -8.31 -9.86
CA SER B 158 -20.11 -7.62 -10.37
C SER B 158 -20.90 -6.94 -9.25
N HIS B 159 -21.19 -7.70 -8.17
CA HIS B 159 -21.85 -7.17 -6.99
C HIS B 159 -21.09 -5.95 -6.45
N GLU B 160 -19.78 -6.13 -6.25
CA GLU B 160 -18.93 -5.13 -5.61
C GLU B 160 -18.97 -3.82 -6.40
N LEU B 161 -18.95 -3.93 -7.73
CA LEU B 161 -18.82 -2.77 -8.60
C LEU B 161 -20.17 -2.03 -8.74
N SER B 162 -21.28 -2.77 -8.65
CA SER B 162 -22.61 -2.17 -8.66
C SER B 162 -22.84 -1.36 -7.38
N ALA B 163 -22.54 -1.99 -6.23
CA ALA B 163 -22.70 -1.37 -4.93
C ALA B 163 -21.71 -0.22 -4.77
N HIS B 164 -20.47 -0.44 -5.20
CA HIS B 164 -19.39 0.53 -5.01
C HIS B 164 -18.70 0.79 -6.35
N PRO B 165 -19.04 1.89 -7.05
CA PRO B 165 -18.51 2.14 -8.39
C PRO B 165 -17.08 2.69 -8.39
N VAL B 166 -16.42 2.55 -9.54
CA VAL B 166 -15.11 3.09 -9.81
C VAL B 166 -15.11 3.63 -11.24
N ALA B 167 -14.19 4.56 -11.53
CA ALA B 167 -14.13 5.26 -12.81
C ALA B 167 -13.67 4.34 -13.93
N LEU B 168 -12.83 3.34 -13.61
CA LEU B 168 -12.46 2.32 -14.59
C LEU B 168 -11.95 1.06 -13.87
N VAL B 169 -11.88 -0.02 -14.64
CA VAL B 169 -11.33 -1.29 -14.18
C VAL B 169 -10.12 -1.63 -15.04
N HIS B 170 -9.04 -2.03 -14.37
CA HIS B 170 -7.79 -2.37 -15.05
C HIS B 170 -7.52 -3.86 -14.86
N LEU B 171 -7.69 -4.61 -15.94
CA LEU B 171 -7.47 -6.05 -15.90
C LEU B 171 -6.19 -6.38 -16.65
N THR B 172 -5.21 -6.94 -15.93
CA THR B 172 -4.11 -7.64 -16.57
C THR B 172 -4.62 -9.02 -16.95
N ALA B 173 -4.78 -9.25 -18.26
CA ALA B 173 -5.42 -10.45 -18.77
C ALA B 173 -4.53 -11.67 -18.55
N LEU B 174 -3.21 -11.44 -18.64
CA LEU B 174 -2.22 -12.45 -18.31
C LEU B 174 -1.05 -11.77 -17.59
N ALA B 175 -0.78 -12.24 -16.37
CA ALA B 175 0.19 -11.63 -15.47
C ALA B 175 1.61 -12.04 -15.88
N SER B 176 2.59 -11.21 -15.52
CA SER B 176 3.97 -11.49 -15.84
C SER B 176 4.54 -12.56 -14.89
N HIS B 177 3.95 -12.68 -13.69
CA HIS B 177 4.50 -13.48 -12.62
C HIS B 177 3.80 -14.84 -12.50
N ARG B 178 2.68 -15.02 -13.21
CA ARG B 178 1.92 -16.26 -13.12
C ARG B 178 1.08 -16.46 -14.37
N GLY B 179 0.97 -17.71 -14.83
CA GLY B 179 0.40 -18.02 -16.12
C GLY B 179 -1.10 -18.31 -16.05
N ILE B 180 -1.84 -17.53 -15.26
CA ILE B 180 -3.28 -17.67 -15.13
C ILE B 180 -3.96 -16.82 -16.20
N ALA B 181 -4.78 -17.48 -17.03
CA ALA B 181 -5.62 -16.78 -17.99
C ALA B 181 -6.84 -16.22 -17.27
N GLN B 182 -6.95 -14.90 -17.23
CA GLN B 182 -8.07 -14.23 -16.57
C GLN B 182 -9.28 -14.31 -17.48
N PRO B 183 -10.50 -14.50 -16.92
CA PRO B 183 -11.74 -14.52 -17.70
C PRO B 183 -12.14 -13.11 -18.14
N ALA B 184 -11.47 -12.63 -19.19
CA ALA B 184 -11.51 -11.23 -19.57
C ALA B 184 -12.89 -10.84 -20.07
N ALA B 185 -13.38 -11.59 -21.07
CA ALA B 185 -14.62 -11.27 -21.75
C ALA B 185 -15.78 -11.21 -20.74
N GLU B 186 -15.82 -12.17 -19.81
CA GLU B 186 -16.93 -12.27 -18.87
C GLU B 186 -16.84 -11.13 -17.86
N LEU B 187 -15.62 -10.66 -17.56
CA LEU B 187 -15.47 -9.52 -16.67
C LEU B 187 -15.84 -8.22 -17.39
N VAL B 188 -15.58 -8.17 -18.70
CA VAL B 188 -15.80 -6.94 -19.46
C VAL B 188 -17.31 -6.65 -19.54
N GLU B 189 -18.13 -7.70 -19.70
CA GLU B 189 -19.57 -7.50 -19.80
C GLU B 189 -20.14 -7.15 -18.42
N ALA B 190 -19.59 -7.76 -17.36
CA ALA B 190 -20.00 -7.44 -15.99
C ALA B 190 -19.73 -5.97 -15.67
N CYS B 191 -18.57 -5.47 -16.10
CA CYS B 191 -18.17 -4.09 -15.84
C CYS B 191 -19.01 -3.12 -16.67
N HIS B 192 -19.36 -3.53 -17.89
CA HIS B 192 -20.17 -2.71 -18.77
C HIS B 192 -21.61 -2.65 -18.27
N ASN B 193 -22.10 -3.75 -17.68
CA ASN B 193 -23.41 -3.81 -17.05
C ASN B 193 -23.50 -2.82 -15.88
N ALA B 194 -22.38 -2.62 -15.18
CA ALA B 194 -22.30 -1.66 -14.09
C ALA B 194 -21.99 -0.25 -14.62
N GLY B 195 -21.70 -0.12 -15.93
CA GLY B 195 -21.48 1.18 -16.55
C GLY B 195 -20.06 1.71 -16.33
N ILE B 196 -19.08 0.80 -16.30
CA ILE B 196 -17.70 1.12 -15.99
C ILE B 196 -16.80 0.64 -17.13
N PRO B 197 -15.95 1.51 -17.73
CA PRO B 197 -15.04 1.09 -18.78
C PRO B 197 -13.92 0.17 -18.29
N VAL B 198 -13.33 -0.61 -19.21
CA VAL B 198 -12.30 -1.58 -18.87
C VAL B 198 -11.06 -1.33 -19.73
N VAL B 199 -9.92 -1.17 -19.05
CA VAL B 199 -8.61 -1.15 -19.69
C VAL B 199 -7.96 -2.51 -19.48
N ILE B 200 -7.24 -2.99 -20.50
CA ILE B 200 -6.60 -4.29 -20.42
C ILE B 200 -5.10 -4.16 -20.70
N ASP B 201 -4.30 -4.72 -19.76
CA ASP B 201 -2.87 -4.91 -19.94
C ASP B 201 -2.66 -6.25 -20.65
N ALA B 202 -2.46 -6.18 -21.97
CA ALA B 202 -2.27 -7.36 -22.80
C ALA B 202 -0.82 -7.47 -23.23
N ALA B 203 0.10 -7.10 -22.33
CA ALA B 203 1.52 -7.16 -22.63
C ALA B 203 1.94 -8.63 -22.82
N GLN B 204 1.39 -9.51 -21.97
CA GLN B 204 1.65 -10.94 -22.08
C GLN B 204 0.60 -11.61 -22.95
N ALA B 205 -0.61 -11.02 -23.03
CA ALA B 205 -1.76 -11.70 -23.62
C ALA B 205 -1.78 -11.56 -25.14
N LEU B 206 -1.39 -10.38 -25.66
CA LEU B 206 -1.51 -10.14 -27.08
C LEU B 206 -0.57 -11.10 -27.81
N GLY B 207 -1.15 -11.86 -28.75
CA GLY B 207 -0.43 -12.88 -29.50
C GLY B 207 -0.41 -14.23 -28.78
N HIS B 208 -1.27 -14.39 -27.77
CA HIS B 208 -1.14 -15.46 -26.79
C HIS B 208 -2.53 -15.91 -26.32
N LEU B 209 -3.37 -14.93 -25.94
CA LEU B 209 -4.76 -15.16 -25.60
C LEU B 209 -5.65 -14.44 -26.60
N ASP B 210 -6.92 -14.87 -26.67
CA ASP B 210 -7.94 -14.14 -27.40
C ASP B 210 -8.14 -12.79 -26.71
N CYS B 211 -7.65 -11.72 -27.35
CA CYS B 211 -7.77 -10.37 -26.81
C CYS B 211 -8.92 -9.61 -27.46
N ASN B 212 -9.75 -10.33 -28.23
CA ASN B 212 -10.98 -9.79 -28.78
C ASN B 212 -12.11 -10.04 -27.79
N VAL B 213 -12.35 -9.08 -26.89
CA VAL B 213 -13.21 -9.28 -25.73
C VAL B 213 -14.02 -8.02 -25.41
N GLY B 214 -14.02 -7.03 -26.32
CA GLY B 214 -14.86 -5.87 -26.22
C GLY B 214 -14.44 -4.86 -25.14
N ALA B 215 -13.13 -4.78 -24.87
CA ALA B 215 -12.60 -3.83 -23.91
C ALA B 215 -12.64 -2.43 -24.50
N ASP B 216 -12.48 -1.43 -23.64
CA ASP B 216 -12.56 -0.03 -24.04
C ASP B 216 -11.17 0.50 -24.42
N ALA B 217 -10.15 -0.05 -23.76
CA ALA B 217 -8.76 0.25 -24.09
C ALA B 217 -7.91 -0.99 -23.89
N VAL B 218 -6.90 -1.17 -24.75
CA VAL B 218 -5.95 -2.26 -24.63
C VAL B 218 -4.56 -1.75 -25.00
N TYR B 219 -3.54 -2.28 -24.31
CA TYR B 219 -2.16 -1.96 -24.64
C TYR B 219 -1.29 -3.21 -24.53
N SER B 220 -0.13 -3.18 -25.21
CA SER B 220 0.78 -4.31 -25.22
C SER B 220 2.15 -3.87 -25.71
N SER B 221 3.06 -4.86 -25.80
CA SER B 221 4.46 -4.64 -26.11
C SER B 221 4.86 -5.45 -27.35
N SER B 222 5.74 -4.84 -28.14
CA SER B 222 6.25 -5.41 -29.39
C SER B 222 7.08 -6.66 -29.15
N ARG B 223 7.92 -6.63 -28.10
CA ARG B 223 9.09 -7.48 -28.00
C ARG B 223 8.78 -8.86 -27.43
N LYS B 224 7.54 -9.10 -26.98
CA LYS B 224 7.22 -10.33 -26.28
C LYS B 224 6.69 -11.37 -27.29
N TRP B 225 5.40 -11.74 -27.20
CA TRP B 225 4.91 -12.91 -27.94
C TRP B 225 4.79 -12.66 -29.44
N LEU B 226 4.77 -11.39 -29.86
CA LEU B 226 4.73 -11.04 -31.27
C LEU B 226 6.15 -10.94 -31.84
N ALA B 227 7.16 -11.03 -30.96
CA ALA B 227 8.57 -11.12 -31.33
C ALA B 227 8.98 -9.97 -32.25
N GLY B 228 8.63 -8.74 -31.84
CA GLY B 228 9.04 -7.54 -32.55
C GLY B 228 10.21 -6.85 -31.85
N PRO B 229 10.64 -5.67 -32.34
CA PRO B 229 11.72 -4.92 -31.69
C PRO B 229 11.38 -4.38 -30.31
N ARG B 230 12.41 -4.21 -29.47
CA ARG B 230 12.27 -3.48 -28.22
C ARG B 230 11.99 -2.02 -28.54
N GLY B 231 11.38 -1.32 -27.58
CA GLY B 231 11.19 0.12 -27.66
C GLY B 231 9.89 0.51 -28.34
N VAL B 232 9.01 -0.48 -28.55
CA VAL B 232 7.73 -0.28 -29.20
C VAL B 232 6.65 -0.96 -28.36
N GLY B 233 5.50 -0.28 -28.28
CA GLY B 233 4.27 -0.86 -27.79
C GLY B 233 3.09 -0.26 -28.55
N VAL B 234 1.88 -0.67 -28.16
CA VAL B 234 0.67 -0.17 -28.82
C VAL B 234 -0.38 0.14 -27.76
N LEU B 235 -1.12 1.22 -28.00
CA LEU B 235 -2.26 1.60 -27.19
C LEU B 235 -3.46 1.79 -28.12
N ALA B 236 -4.57 1.11 -27.81
CA ALA B 236 -5.81 1.22 -28.57
C ALA B 236 -6.92 1.69 -27.65
N VAL B 237 -7.65 2.74 -28.09
CA VAL B 237 -8.75 3.31 -27.31
C VAL B 237 -9.95 3.55 -28.23
N ARG B 238 -11.12 3.04 -27.81
CA ARG B 238 -12.38 3.26 -28.49
C ARG B 238 -12.69 4.76 -28.56
N PRO B 239 -13.30 5.25 -29.65
CA PRO B 239 -13.53 6.70 -29.84
C PRO B 239 -14.42 7.36 -28.80
N GLU B 240 -15.36 6.60 -28.23
CA GLU B 240 -16.26 7.09 -27.20
C GLU B 240 -15.43 7.55 -26.01
N LEU B 241 -14.47 6.70 -25.63
CA LEU B 241 -13.55 6.96 -24.53
C LEU B 241 -12.47 7.95 -24.95
N ALA B 242 -11.91 7.76 -26.14
CA ALA B 242 -10.79 8.56 -26.62
C ALA B 242 -11.07 10.05 -26.52
N GLU B 243 -12.29 10.48 -26.83
CA GLU B 243 -12.57 11.90 -26.96
C GLU B 243 -12.91 12.52 -25.61
N ARG B 244 -13.10 11.70 -24.57
CA ARG B 244 -13.27 12.19 -23.20
C ARG B 244 -11.93 12.48 -22.55
N LEU B 245 -10.85 11.90 -23.12
CA LEU B 245 -9.50 11.99 -22.57
C LEU B 245 -8.96 13.40 -22.75
N GLN B 246 -8.12 13.83 -21.79
CA GLN B 246 -7.51 15.15 -21.79
C GLN B 246 -6.00 15.00 -21.65
N PRO B 247 -5.25 14.84 -22.77
CA PRO B 247 -3.81 14.61 -22.73
C PRO B 247 -3.02 15.67 -21.95
N ARG B 248 -2.07 15.19 -21.13
CA ARG B 248 -1.18 16.00 -20.33
C ARG B 248 -0.35 16.93 -21.23
N ILE B 249 0.27 16.36 -22.28
CA ILE B 249 1.01 17.13 -23.28
C ILE B 249 0.37 16.90 -24.65
N PRO B 250 0.13 17.96 -25.46
CA PRO B 250 0.24 19.35 -25.01
C PRO B 250 -0.88 19.73 -24.05
N PRO B 251 -0.78 20.88 -23.34
CA PRO B 251 -1.92 21.41 -22.59
C PRO B 251 -3.12 21.65 -23.50
N SER B 252 -4.32 21.80 -22.91
CA SER B 252 -5.56 21.98 -23.66
C SER B 252 -5.53 23.24 -24.54
N ASP B 253 -4.59 24.15 -24.25
CA ASP B 253 -4.21 25.23 -25.17
C ASP B 253 -3.55 24.65 -26.41
N TRP B 254 -4.32 24.49 -27.51
CA TRP B 254 -3.87 23.79 -28.70
C TRP B 254 -3.81 24.74 -29.90
N PRO B 255 -2.66 25.43 -30.18
CA PRO B 255 -2.42 26.12 -31.45
C PRO B 255 -2.71 25.32 -32.73
N ILE B 256 -2.04 24.16 -32.89
CA ILE B 256 -2.46 23.17 -33.87
C ILE B 256 -3.51 22.27 -33.23
N PRO B 257 -4.77 22.27 -33.71
CA PRO B 257 -5.80 21.36 -33.19
C PRO B 257 -5.67 19.95 -33.76
N MET B 258 -5.55 18.95 -32.87
CA MET B 258 -5.34 17.58 -33.27
C MET B 258 -6.10 16.66 -32.32
N SER B 259 -6.39 15.43 -32.77
CA SER B 259 -7.21 14.51 -31.99
C SER B 259 -6.42 14.00 -30.79
N VAL B 260 -7.14 13.41 -29.85
CA VAL B 260 -6.52 12.88 -28.63
C VAL B 260 -5.45 11.86 -29.01
N LEU B 261 -5.79 10.91 -29.90
CA LEU B 261 -4.86 9.86 -30.28
C LEU B 261 -3.62 10.42 -30.98
N GLU B 262 -3.80 11.51 -31.73
CA GLU B 262 -2.68 12.15 -32.39
C GLU B 262 -1.75 12.78 -31.36
N LYS B 263 -2.33 13.32 -30.28
CA LYS B 263 -1.57 13.90 -29.18
C LYS B 263 -0.78 12.83 -28.43
N LEU B 264 -1.39 11.66 -28.20
CA LEU B 264 -0.77 10.58 -27.44
C LEU B 264 0.39 9.97 -28.22
N GLU B 265 0.29 9.92 -29.57
CA GLU B 265 1.31 9.30 -30.40
C GLU B 265 2.45 10.28 -30.69
N LEU B 266 2.34 11.52 -30.19
CA LEU B 266 3.30 12.55 -30.48
C LEU B 266 4.60 12.28 -29.72
N GLY B 267 5.75 12.54 -30.36
CA GLY B 267 7.04 12.42 -29.71
C GLY B 267 8.06 11.62 -30.53
N GLU B 268 9.35 11.94 -30.33
CA GLU B 268 10.46 11.23 -30.95
C GLU B 268 10.40 9.75 -30.58
N HIS B 269 10.79 8.90 -31.54
CA HIS B 269 10.66 7.46 -31.40
C HIS B 269 11.55 6.80 -32.45
N ASN B 270 11.81 5.50 -32.31
CA ASN B 270 12.50 4.76 -33.36
C ASN B 270 11.47 4.31 -34.38
N ALA B 271 11.43 5.00 -35.52
CA ALA B 271 10.52 4.67 -36.61
C ALA B 271 10.83 3.30 -37.18
N ALA B 272 12.12 3.03 -37.38
CA ALA B 272 12.57 1.76 -37.93
C ALA B 272 11.98 0.59 -37.12
N ALA B 273 11.99 0.73 -35.79
CA ALA B 273 11.55 -0.34 -34.90
C ALA B 273 10.05 -0.55 -35.07
N ARG B 274 9.33 0.54 -35.37
CA ARG B 274 7.90 0.48 -35.59
C ARG B 274 7.60 -0.30 -36.87
N VAL B 275 8.39 -0.11 -37.94
CA VAL B 275 8.14 -0.88 -39.15
C VAL B 275 8.54 -2.33 -38.87
N GLY B 276 9.63 -2.53 -38.11
CA GLY B 276 9.97 -3.85 -37.62
C GLY B 276 8.76 -4.54 -36.99
N PHE B 277 8.06 -3.81 -36.12
CA PHE B 277 6.92 -4.35 -35.40
C PHE B 277 5.83 -4.78 -36.38
N SER B 278 5.52 -3.89 -37.33
CA SER B 278 4.48 -4.15 -38.31
C SER B 278 4.74 -5.47 -39.05
N VAL B 279 6.00 -5.69 -39.46
CA VAL B 279 6.39 -6.95 -40.09
C VAL B 279 6.05 -8.12 -39.15
N ALA B 280 6.29 -7.93 -37.85
CA ALA B 280 6.19 -8.98 -36.86
C ALA B 280 4.73 -9.38 -36.61
N VAL B 281 3.82 -8.40 -36.52
CA VAL B 281 2.39 -8.71 -36.39
C VAL B 281 1.90 -9.38 -37.66
N GLY B 282 2.33 -8.85 -38.81
CA GLY B 282 2.13 -9.50 -40.10
C GLY B 282 2.40 -11.01 -40.02
N GLU B 283 3.56 -11.38 -39.49
CA GLU B 283 3.98 -12.77 -39.39
C GLU B 283 3.07 -13.57 -38.47
N HIS B 284 2.52 -12.92 -37.43
CA HIS B 284 1.62 -13.60 -36.51
C HIS B 284 0.31 -13.93 -37.22
N LEU B 285 -0.25 -12.93 -37.91
CA LEU B 285 -1.47 -13.08 -38.68
C LEU B 285 -1.28 -14.14 -39.77
N ALA B 286 -0.14 -14.07 -40.46
CA ALA B 286 0.19 -15.01 -41.52
C ALA B 286 0.18 -16.45 -41.03
N ALA B 287 0.72 -16.68 -39.83
CA ALA B 287 0.83 -18.02 -39.27
C ALA B 287 -0.51 -18.48 -38.69
N GLY B 288 -1.45 -17.56 -38.47
CA GLY B 288 -2.77 -17.90 -37.98
C GLY B 288 -2.88 -17.74 -36.47
N PRO B 289 -3.43 -16.61 -35.98
CA PRO B 289 -3.60 -16.39 -34.54
C PRO B 289 -4.08 -17.62 -33.77
N THR B 290 -5.17 -18.23 -34.24
CA THR B 290 -5.83 -19.29 -33.50
C THR B 290 -4.91 -20.51 -33.38
N ALA B 291 -4.20 -20.82 -34.48
CA ALA B 291 -3.30 -21.97 -34.51
C ALA B 291 -2.10 -21.75 -33.58
N VAL B 292 -1.60 -20.51 -33.54
CA VAL B 292 -0.45 -20.16 -32.73
C VAL B 292 -0.82 -20.25 -31.26
N ARG B 293 -2.02 -19.76 -30.91
CA ARG B 293 -2.47 -19.73 -29.52
C ARG B 293 -2.70 -21.14 -28.99
N GLU B 294 -3.24 -22.04 -29.82
CA GLU B 294 -3.51 -23.40 -29.41
C GLU B 294 -2.19 -24.14 -29.18
N ARG B 295 -1.15 -23.75 -29.93
CA ARG B 295 0.17 -24.34 -29.78
C ARG B 295 0.81 -23.84 -28.49
N LEU B 296 0.70 -22.54 -28.19
CA LEU B 296 1.26 -21.98 -26.96
C LEU B 296 0.59 -22.61 -25.75
N ALA B 297 -0.73 -22.81 -25.82
CA ALA B 297 -1.47 -23.47 -24.76
C ALA B 297 -0.93 -24.89 -24.53
N GLU B 298 -0.59 -25.56 -25.64
CA GLU B 298 -0.05 -26.92 -25.62
C GLU B 298 1.37 -26.90 -25.07
N VAL B 299 2.15 -25.88 -25.42
CA VAL B 299 3.49 -25.69 -24.87
C VAL B 299 3.41 -25.63 -23.35
N GLY B 300 2.38 -24.97 -22.82
CA GLY B 300 2.19 -24.87 -21.38
C GLY B 300 1.86 -26.22 -20.74
N ARG B 301 0.93 -26.96 -21.37
CA ARG B 301 0.56 -28.29 -20.91
C ARG B 301 1.82 -29.15 -20.78
N LEU B 302 2.60 -29.23 -21.86
CA LEU B 302 3.79 -30.07 -21.92
C LEU B 302 4.81 -29.64 -20.86
N SER B 303 4.92 -28.32 -20.63
CA SER B 303 5.86 -27.77 -19.67
C SER B 303 5.54 -28.28 -18.27
N ARG B 304 4.24 -28.30 -17.93
CA ARG B 304 3.81 -28.61 -16.58
C ARG B 304 3.80 -30.11 -16.33
N GLN B 305 3.63 -30.90 -17.42
CA GLN B 305 3.79 -32.34 -17.36
C GLN B 305 5.25 -32.68 -17.05
N VAL B 306 6.18 -32.05 -17.78
CA VAL B 306 7.59 -32.35 -17.70
C VAL B 306 8.18 -31.88 -16.36
N LEU B 307 7.63 -30.81 -15.79
CA LEU B 307 8.14 -30.24 -14.55
C LEU B 307 7.35 -30.77 -13.35
N ALA B 308 6.38 -31.65 -13.61
CA ALA B 308 5.46 -32.15 -12.58
C ALA B 308 6.24 -32.61 -11.34
N GLU B 309 7.35 -33.33 -11.56
CA GLU B 309 8.13 -33.87 -10.47
C GLU B 309 9.57 -33.41 -10.61
N VAL B 310 9.88 -32.26 -10.00
CA VAL B 310 11.25 -31.81 -9.78
C VAL B 310 11.42 -31.53 -8.30
N ASP B 311 12.53 -32.02 -7.73
CA ASP B 311 12.78 -31.88 -6.31
C ASP B 311 13.36 -30.48 -6.05
N GLY B 312 12.74 -29.74 -5.12
CA GLY B 312 13.19 -28.41 -4.77
C GLY B 312 12.44 -27.30 -5.51
N TRP B 313 11.38 -27.70 -6.23
CA TRP B 313 10.60 -26.81 -7.08
C TRP B 313 9.20 -27.39 -7.26
N ARG B 314 8.16 -26.54 -7.16
CA ARG B 314 6.81 -26.96 -7.50
C ARG B 314 6.19 -26.00 -8.50
N VAL B 315 5.42 -26.58 -9.43
CA VAL B 315 4.71 -25.84 -10.46
C VAL B 315 3.52 -25.16 -9.81
N VAL B 316 3.26 -23.90 -10.19
CA VAL B 316 2.25 -23.07 -9.53
C VAL B 316 0.92 -23.16 -10.28
N GLU B 317 0.97 -23.15 -11.63
CA GLU B 317 -0.22 -23.06 -12.44
C GLU B 317 -0.91 -24.42 -12.52
N PRO B 318 -2.26 -24.50 -12.45
CA PRO B 318 -2.99 -25.68 -12.91
C PRO B 318 -2.42 -26.15 -14.25
N VAL B 319 -2.56 -27.46 -14.52
CA VAL B 319 -1.78 -28.13 -15.54
C VAL B 319 -2.34 -27.82 -16.93
N ASP B 320 -3.58 -27.32 -17.01
CA ASP B 320 -4.24 -27.11 -18.29
C ASP B 320 -4.77 -25.68 -18.38
N GLN B 321 -3.96 -24.72 -17.91
CA GLN B 321 -4.18 -23.31 -18.20
C GLN B 321 -3.68 -23.04 -19.62
N PRO B 322 -4.47 -22.36 -20.47
CA PRO B 322 -4.09 -22.12 -21.86
C PRO B 322 -3.05 -21.02 -22.07
N THR B 323 -1.84 -21.23 -21.52
CA THR B 323 -0.76 -20.26 -21.57
C THR B 323 0.56 -21.01 -21.67
N ALA B 324 1.62 -20.30 -22.11
CA ALA B 324 2.96 -20.85 -22.19
C ALA B 324 3.78 -20.49 -20.94
N ILE B 325 3.22 -19.61 -20.10
CA ILE B 325 3.90 -19.15 -18.90
C ILE B 325 3.71 -20.19 -17.78
N THR B 326 4.84 -20.68 -17.27
CA THR B 326 4.88 -21.64 -16.18
C THR B 326 5.86 -21.13 -15.14
N THR B 327 5.42 -21.08 -13.87
CA THR B 327 6.25 -20.55 -12.80
C THR B 327 6.50 -21.61 -11.74
N LEU B 328 7.72 -21.56 -11.18
CA LEU B 328 8.21 -22.53 -10.22
C LEU B 328 8.58 -21.83 -8.92
N GLU B 329 8.09 -22.39 -7.80
CA GLU B 329 8.40 -21.89 -6.47
C GLU B 329 9.32 -22.90 -5.78
N SER B 330 10.38 -22.40 -5.14
CA SER B 330 11.35 -23.26 -4.47
C SER B 330 10.78 -23.77 -3.16
N THR B 331 11.05 -25.05 -2.85
CA THR B 331 10.56 -25.68 -1.63
C THR B 331 11.65 -25.78 -0.57
N ASP B 332 12.90 -25.40 -0.91
CA ASP B 332 13.96 -25.29 0.08
C ASP B 332 14.69 -23.97 -0.08
N GLY B 333 13.90 -22.88 -0.19
CA GLY B 333 14.39 -21.51 -0.05
C GLY B 333 15.56 -21.14 -0.96
N ALA B 334 15.60 -21.71 -2.18
CA ALA B 334 16.60 -21.36 -3.18
C ALA B 334 16.18 -20.06 -3.88
N ASP B 335 17.18 -19.24 -4.27
CA ASP B 335 16.92 -17.92 -4.82
C ASP B 335 16.85 -17.99 -6.35
N PRO B 336 15.68 -17.66 -6.97
CA PRO B 336 15.54 -17.78 -8.42
C PRO B 336 16.51 -16.92 -9.23
N ALA B 337 16.83 -15.73 -8.72
CA ALA B 337 17.78 -14.83 -9.37
C ALA B 337 19.12 -15.52 -9.55
N SER B 338 19.56 -16.27 -8.53
CA SER B 338 20.83 -16.99 -8.56
C SER B 338 20.74 -18.17 -9.54
N VAL B 339 19.64 -18.92 -9.46
CA VAL B 339 19.42 -20.05 -10.34
C VAL B 339 19.42 -19.58 -11.79
N ARG B 340 18.71 -18.48 -12.07
CA ARG B 340 18.65 -17.91 -13.40
C ARG B 340 20.06 -17.61 -13.92
N SER B 341 20.89 -17.00 -13.06
CA SER B 341 22.24 -16.60 -13.41
C SER B 341 23.10 -17.84 -13.72
N TRP B 342 22.95 -18.88 -12.89
CA TRP B 342 23.68 -20.11 -13.07
C TRP B 342 23.29 -20.76 -14.40
N LEU B 343 21.97 -20.83 -14.65
CA LEU B 343 21.43 -21.43 -15.86
C LEU B 343 22.01 -20.77 -17.11
N ILE B 344 22.22 -19.45 -17.06
CA ILE B 344 22.74 -18.72 -18.20
C ILE B 344 24.24 -18.99 -18.36
N ALA B 345 25.00 -18.75 -17.28
CA ALA B 345 26.46 -18.77 -17.34
C ALA B 345 26.98 -20.19 -17.62
N GLU B 346 26.27 -21.22 -17.12
CA GLU B 346 26.77 -22.58 -17.16
C GLU B 346 26.09 -23.38 -18.28
N ARG B 347 24.76 -23.30 -18.37
CA ARG B 347 24.00 -24.18 -19.25
C ARG B 347 23.36 -23.43 -20.42
N GLY B 348 23.53 -22.11 -20.49
CA GLY B 348 23.02 -21.31 -21.60
C GLY B 348 21.49 -21.29 -21.71
N ILE B 349 20.79 -21.51 -20.59
CA ILE B 349 19.33 -21.55 -20.56
C ILE B 349 18.80 -20.23 -20.03
N VAL B 350 17.98 -19.55 -20.85
CA VAL B 350 17.49 -18.22 -20.50
C VAL B 350 16.11 -18.35 -19.86
N THR B 351 15.95 -17.65 -18.73
CA THR B 351 14.76 -17.69 -17.89
C THR B 351 14.56 -16.31 -17.25
N THR B 352 13.48 -16.14 -16.50
CA THR B 352 13.23 -14.90 -15.77
C THR B 352 12.97 -15.23 -14.30
N ALA B 353 13.58 -14.42 -13.42
CA ALA B 353 13.33 -14.50 -11.99
C ALA B 353 12.41 -13.37 -11.58
N CYS B 354 11.21 -13.73 -11.09
CA CYS B 354 10.23 -12.73 -10.69
C CYS B 354 10.40 -12.43 -9.21
N GLU B 355 10.73 -11.16 -8.89
CA GLU B 355 10.82 -10.72 -7.50
C GLU B 355 9.43 -10.40 -6.98
N LEU B 356 9.32 -10.14 -5.68
CA LEU B 356 8.04 -9.78 -5.07
C LEU B 356 7.53 -8.47 -5.67
N ALA B 357 8.47 -7.59 -6.04
CA ALA B 357 8.18 -6.27 -6.56
C ALA B 357 7.34 -6.31 -7.84
N ARG B 358 7.33 -7.46 -8.54
CA ARG B 358 6.56 -7.61 -9.77
C ARG B 358 5.06 -7.65 -9.48
N ALA B 359 4.66 -8.17 -8.32
CA ALA B 359 3.25 -8.19 -7.94
C ALA B 359 3.16 -8.11 -6.42
N PRO B 360 3.46 -6.93 -5.83
CA PRO B 360 3.72 -6.84 -4.39
C PRO B 360 2.52 -7.23 -3.51
N PHE B 361 1.29 -7.08 -4.02
CA PHE B 361 0.11 -7.36 -3.21
C PHE B 361 -0.42 -8.78 -3.43
N GLU B 362 0.39 -9.67 -4.03
CA GLU B 362 -0.03 -11.06 -4.23
C GLU B 362 1.13 -12.01 -3.93
N MET B 363 2.31 -11.71 -4.48
CA MET B 363 3.48 -12.56 -4.31
C MET B 363 3.99 -12.44 -2.89
N ARG B 364 4.17 -13.60 -2.23
CA ARG B 364 4.78 -13.69 -0.92
C ARG B 364 6.21 -14.21 -1.04
N THR B 365 6.55 -14.79 -2.20
CA THR B 365 7.81 -15.47 -2.38
C THR B 365 8.20 -15.46 -3.86
N PRO B 366 9.49 -15.23 -4.21
CA PRO B 366 9.91 -15.12 -5.61
C PRO B 366 9.71 -16.43 -6.37
N VAL B 367 9.71 -16.36 -7.70
CA VAL B 367 9.51 -17.55 -8.53
C VAL B 367 10.42 -17.48 -9.76
N LEU B 368 10.65 -18.65 -10.36
CA LEU B 368 11.33 -18.76 -11.63
C LEU B 368 10.28 -18.95 -12.72
N ARG B 369 10.38 -18.14 -13.80
CA ARG B 369 9.38 -18.12 -14.86
C ARG B 369 9.97 -18.62 -16.18
N ILE B 370 9.33 -19.66 -16.70
CA ILE B 370 9.60 -20.21 -18.03
C ILE B 370 8.49 -19.70 -18.96
N SER B 371 8.88 -19.28 -20.17
CA SER B 371 7.94 -18.70 -21.12
C SER B 371 8.43 -19.00 -22.54
N PRO B 372 8.39 -20.28 -22.96
CA PRO B 372 8.88 -20.69 -24.27
C PRO B 372 7.84 -20.44 -25.35
N HIS B 373 8.29 -20.21 -26.59
CA HIS B 373 7.39 -19.96 -27.70
C HIS B 373 7.07 -21.32 -28.35
N VAL B 374 6.48 -21.26 -29.57
CA VAL B 374 5.96 -22.43 -30.28
C VAL B 374 7.07 -23.43 -30.60
N ASP B 375 8.32 -22.94 -30.74
CA ASP B 375 9.43 -23.72 -31.26
C ASP B 375 9.97 -24.72 -30.24
N VAL B 376 9.58 -24.61 -28.97
CA VAL B 376 10.17 -25.44 -27.94
C VAL B 376 9.85 -26.91 -28.23
N THR B 377 10.84 -27.78 -27.96
CA THR B 377 10.69 -29.22 -28.08
C THR B 377 10.59 -29.82 -26.68
N VAL B 378 10.19 -31.09 -26.62
CA VAL B 378 10.07 -31.81 -25.37
C VAL B 378 11.45 -32.15 -24.82
N ASP B 379 12.45 -32.31 -25.70
CA ASP B 379 13.81 -32.58 -25.26
C ASP B 379 14.35 -31.35 -24.53
N GLU B 380 13.98 -30.17 -25.02
CA GLU B 380 14.45 -28.91 -24.45
C GLU B 380 13.85 -28.73 -23.05
N LEU B 381 12.59 -29.13 -22.88
CA LEU B 381 11.93 -29.02 -21.58
C LEU B 381 12.54 -30.01 -20.60
N GLU B 382 13.11 -31.11 -21.11
CA GLU B 382 13.76 -32.12 -20.29
C GLU B 382 15.14 -31.64 -19.84
N GLN B 383 15.88 -30.99 -20.75
CA GLN B 383 17.18 -30.42 -20.43
C GLN B 383 17.07 -29.38 -19.33
N PHE B 384 15.96 -28.63 -19.32
CA PHE B 384 15.72 -27.63 -18.31
C PHE B 384 15.48 -28.31 -16.96
N ALA B 385 14.55 -29.27 -16.93
CA ALA B 385 14.23 -30.01 -15.71
C ALA B 385 15.49 -30.68 -15.15
N ALA B 386 16.30 -31.27 -16.04
CA ALA B 386 17.57 -31.87 -15.68
C ALA B 386 18.47 -30.84 -15.02
N ALA B 387 18.68 -29.70 -15.70
CA ALA B 387 19.54 -28.63 -15.22
C ALA B 387 19.01 -28.04 -13.92
N LEU B 388 17.68 -28.11 -13.74
CA LEU B 388 17.04 -27.53 -12.57
C LEU B 388 17.30 -28.40 -11.34
N ARG B 389 17.55 -29.69 -11.56
CA ARG B 389 17.82 -30.63 -10.48
C ARG B 389 19.24 -30.43 -9.95
N GLU B 390 20.22 -30.40 -10.86
CA GLU B 390 21.63 -30.32 -10.49
C GLU B 390 22.06 -28.86 -10.36
N ALA B 391 21.19 -28.02 -9.78
CA ALA B 391 21.43 -26.60 -9.63
C ALA B 391 21.93 -26.33 -8.21
N PRO B 392 23.18 -25.82 -8.04
CA PRO B 392 23.89 -25.82 -6.76
C PRO B 392 23.01 -25.85 -5.49
#